data_1QFU
#
_entry.id   1QFU
#
_cell.length_a   138.000
_cell.length_b   138.000
_cell.length_c   135.000
_cell.angle_alpha   90.00
_cell.angle_beta   90.00
_cell.angle_gamma   120.00
#
_symmetry.space_group_name_H-M   'P 3 2 1'
#
loop_
_entity.id
_entity.type
_entity.pdbx_description
1 polymer 'PROTEIN (HEMAGGLUTININ (HA1 CHAIN))'
2 polymer 'PROTEIN (HEMAGGLUTININ (HA2 CHAIN))'
3 polymer 'PROTEIN (IMMUNOGLOBULIN IGG1-KAPPA ANTIBODY (LIGHT CHAIN))'
4 polymer 'PROTEIN (IMMUNOGLOBULIN IGG1-KAPPA ANTIBODY (HEAVY CHAIN))'
5 branched 2-acetamido-2-deoxy-alpha-D-glucopyranose-(1-4)-2-acetamido-2-deoxy-beta-D-glucopyranose
6 branched beta-D-mannopyranose-(1-4)-2-acetamido-2-deoxy-beta-D-glucopyranose-(1-4)-2-acetamido-2-deoxy-beta-D-glucopyranose
7 non-polymer 2-acetamido-2-deoxy-beta-D-glucopyranose
8 water water
#
loop_
_entity_poly.entity_id
_entity_poly.type
_entity_poly.pdbx_seq_one_letter_code
_entity_poly.pdbx_strand_id
1 'polypeptide(L)'
;QDLPGNDNSTATLCLGHHAVPNGTLVKTITDDQIEVTNATELVQSSSTGKICNNPHRILDGIDCTLIDALLGDPHCDVFQ
NETWDLFVERSKAFSNCYPYDVPDYASLRSLVASSGTLEFITEGFTWTGVTQNGGSNACKRGPGSGFFSRLNWLTKSGST
YPVLNVTMPNNDNFDKLYIWGIHHPSTNQEQTSLYVQASGRVTVSTRRSQQTIIPNIGSRPWVRGLSSRISIYWTIVKPG
DVLVINSNGNLIAPRGYFKMRTGKSSIMRSDAPIDTCISECITPNGSIPNDKPFQNVNKITYGACPKYVKQNTLKLATGM
RNVPEKQT
;
A
2 'polypeptide(L)'
;GLFGAIAGFIENGWEGMIDGWYGFRHQNSEGTGQAADLKSTQAAIDQINGKLNRVIEKTNEKFHQIEKEFSEVEGRIQDL
EKYVEDTKIDLWSYNAELLVALENQHTIDLTDSEMNKLFEKTRRQLRENAEEMGNGCFKIYHKCDNACIESIRNGTYDHD
VYRDEALNNRFQIKG
;
B
3 'polypeptide(L)'
;DVVMTQTPLSLPVSLGDQASISCRSSQTLVHSNGNTYLHWYLQKPGQSPKLLIYKVSNRFSGVPDRFSGSGSGTDFTLKI
SRVEAEDLGVYFCSQNTHVPYTFGGGTKLEIKRADAAPTVSIFPPSKIQLTSGGASVVCFLNNFYPKDINVKWKIDGSER
QNGVLNSWTDQDSKDSTYSMSSTLTLTKDEYERHNSYTCEATHKTSTSPIVKSFNRN
;
L
4 'polypeptide(L)'
;QVQLQQPGAELVRPGASVKLSCKASGYTLTTYWMNWFKQRPDQGLEWIGRIDPYDSETHYNQKFKDKAILTVDRSSSTAY
MQLSSLTSEDSAVYYCTRFLQITTIIYGMDYWGQGTSVTVSSAKTTPPSVYPLAPGSAAQTNSMVTLGCLVKGYFPEPVT
VTWNSGSLSSGVHTFPAVLQSDLYTLSSSVTVPSSTWPSETVTCNVAHPASSTKVDKKIVPRD
;
H
#
loop_
_chem_comp.id
_chem_comp.type
_chem_comp.name
_chem_comp.formula
BMA D-saccharide, beta linking beta-D-mannopyranose 'C6 H12 O6'
NAG D-saccharide, beta linking 2-acetamido-2-deoxy-beta-D-glucopyranose 'C8 H15 N O6'
NDG D-saccharide, alpha linking 2-acetamido-2-deoxy-alpha-D-glucopyranose 'C8 H15 N O6'
#
# COMPACT_ATOMS: atom_id res chain seq x y z
N SER A 9 -20.93 27.53 -77.39
CA SER A 9 -19.64 27.40 -78.12
C SER A 9 -18.62 26.65 -77.27
N THR A 10 -18.30 27.16 -76.08
CA THR A 10 -17.35 26.52 -75.18
C THR A 10 -17.80 26.30 -73.73
N ALA A 11 -17.08 25.46 -73.01
CA ALA A 11 -17.34 25.16 -71.60
C ALA A 11 -15.97 24.78 -71.05
N THR A 12 -15.77 24.96 -69.74
CA THR A 12 -14.51 24.56 -69.10
C THR A 12 -14.75 23.49 -68.03
N LEU A 13 -13.90 22.47 -68.01
CA LEU A 13 -14.03 21.43 -67.04
C LEU A 13 -12.66 21.28 -66.41
N CYS A 14 -12.58 21.50 -65.10
CA CYS A 14 -11.33 21.39 -64.35
C CYS A 14 -11.35 20.31 -63.29
N LEU A 15 -10.41 19.38 -63.41
CA LEU A 15 -10.22 18.28 -62.47
C LEU A 15 -9.38 18.80 -61.30
N GLY A 16 -9.57 18.24 -60.10
CA GLY A 16 -8.81 18.71 -58.96
C GLY A 16 -8.90 17.80 -57.75
N HIS A 17 -8.35 18.27 -56.61
CA HIS A 17 -8.35 17.52 -55.33
C HIS A 17 -8.48 18.43 -54.14
N HIS A 18 -8.79 17.87 -52.97
CA HIS A 18 -8.94 18.72 -51.80
C HIS A 18 -7.66 19.22 -51.16
N ALA A 19 -7.83 20.09 -50.19
CA ALA A 19 -6.73 20.66 -49.46
C ALA A 19 -7.33 21.11 -48.15
N VAL A 20 -6.49 21.19 -47.13
CA VAL A 20 -6.94 21.62 -45.82
C VAL A 20 -6.08 22.81 -45.45
N PRO A 21 -6.63 23.71 -44.65
CA PRO A 21 -5.91 24.91 -44.23
C PRO A 21 -4.59 24.58 -43.54
N ASN A 22 -4.65 23.66 -42.57
CA ASN A 22 -3.48 23.24 -41.80
C ASN A 22 -3.23 21.75 -41.90
N GLY A 23 -2.13 21.38 -42.51
CA GLY A 23 -1.83 19.96 -42.65
C GLY A 23 -0.88 19.43 -41.60
N THR A 24 -0.28 18.28 -41.89
CA THR A 24 0.61 17.60 -40.98
C THR A 24 1.90 17.18 -41.65
N LEU A 25 3.02 17.63 -41.11
CA LEU A 25 4.30 17.26 -41.69
C LEU A 25 4.57 15.79 -41.42
N VAL A 26 5.05 15.09 -42.44
CA VAL A 26 5.41 13.66 -42.28
C VAL A 26 6.76 13.50 -42.96
N LYS A 27 7.35 12.33 -42.77
CA LYS A 27 8.64 12.01 -43.32
C LYS A 27 8.45 10.94 -44.36
N THR A 28 9.26 11.00 -45.42
CA THR A 28 9.18 10.06 -46.50
C THR A 28 10.59 9.64 -46.85
N ILE A 29 10.72 8.88 -47.94
CA ILE A 29 12.03 8.41 -48.39
C ILE A 29 12.99 9.49 -48.84
N THR A 30 12.43 10.54 -49.45
CA THR A 30 13.23 11.64 -50.01
C THR A 30 13.10 13.00 -49.31
N ASP A 31 12.10 13.14 -48.47
CA ASP A 31 11.86 14.39 -47.78
C ASP A 31 11.72 14.24 -46.28
N ASP A 32 12.43 15.10 -45.57
CA ASP A 32 12.45 15.14 -44.12
C ASP A 32 11.07 15.47 -43.60
N GLN A 33 10.54 16.59 -44.04
CA GLN A 33 9.22 17.03 -43.62
C GLN A 33 8.46 17.46 -44.83
N ILE A 34 7.31 16.82 -45.05
CA ILE A 34 6.48 17.13 -46.20
C ILE A 34 5.04 17.17 -45.69
N GLU A 35 4.31 18.23 -46.03
CA GLU A 35 2.94 18.39 -45.54
C GLU A 35 1.87 17.58 -46.23
N VAL A 36 1.09 16.84 -45.44
CA VAL A 36 0.02 16.04 -45.98
C VAL A 36 -1.27 16.48 -45.31
N THR A 37 -2.42 16.10 -45.86
CA THR A 37 -3.71 16.50 -45.32
C THR A 37 -4.11 15.82 -44.01
N ASN A 38 -3.45 14.71 -43.69
CA ASN A 38 -3.78 13.94 -42.50
C ASN A 38 -2.69 12.91 -42.19
N ALA A 39 -2.68 12.48 -40.95
CA ALA A 39 -1.69 11.53 -40.48
C ALA A 39 -2.18 10.87 -39.20
N THR A 40 -1.66 9.69 -38.90
CA THR A 40 -2.06 9.01 -37.68
C THR A 40 -0.74 8.73 -36.95
N GLU A 41 -0.79 8.74 -35.62
CA GLU A 41 0.38 8.50 -34.79
C GLU A 41 0.55 7.02 -34.56
N LEU A 42 1.77 6.56 -34.82
CA LEU A 42 2.09 5.16 -34.68
C LEU A 42 2.77 4.80 -33.36
N VAL A 43 3.31 5.80 -32.67
CA VAL A 43 3.99 5.57 -31.40
C VAL A 43 3.22 6.01 -30.18
N GLN A 44 2.82 5.04 -29.34
CA GLN A 44 2.10 5.28 -28.07
C GLN A 44 3.17 5.79 -27.08
N SER A 45 3.06 7.04 -26.66
CA SER A 45 4.07 7.60 -25.79
C SER A 45 3.67 8.02 -24.37
N SER A 46 2.46 7.68 -23.95
CA SER A 46 2.04 8.05 -22.60
C SER A 46 1.25 6.96 -21.92
N SER A 47 1.22 7.04 -20.59
CA SER A 47 0.51 6.08 -19.76
C SER A 47 -0.29 6.85 -18.73
N THR A 48 -1.24 6.19 -18.08
CA THR A 48 -2.04 6.83 -17.05
C THR A 48 -1.32 6.80 -15.70
N GLY A 49 -0.37 5.88 -15.56
CA GLY A 49 0.36 5.77 -14.31
C GLY A 49 -0.18 4.64 -13.46
N LYS A 50 -1.41 4.22 -13.75
CA LYS A 50 -2.05 3.13 -13.02
C LYS A 50 -1.92 1.83 -13.81
N ILE A 51 -1.93 0.70 -13.09
CA ILE A 51 -1.86 -0.64 -13.67
C ILE A 51 -3.30 -1.18 -13.53
N CYS A 52 -3.81 -1.89 -14.53
CA CYS A 52 -5.19 -2.37 -14.46
C CYS A 52 -5.31 -3.81 -14.05
N ASN A 53 -6.25 -4.07 -13.14
CA ASN A 53 -6.49 -5.41 -12.64
C ASN A 53 -7.19 -6.36 -13.60
N ASN A 54 -7.53 -5.89 -14.80
CA ASN A 54 -8.18 -6.76 -15.80
C ASN A 54 -7.60 -6.50 -17.19
N PRO A 55 -7.48 -7.54 -18.02
CA PRO A 55 -7.85 -8.95 -17.86
C PRO A 55 -6.78 -9.89 -17.21
N HIS A 56 -5.63 -9.35 -16.81
CA HIS A 56 -4.57 -10.15 -16.20
C HIS A 56 -4.65 -10.10 -14.68
N ARG A 57 -4.52 -11.25 -14.06
CA ARG A 57 -4.55 -11.38 -12.60
C ARG A 57 -3.27 -10.76 -12.09
N ILE A 58 -3.39 -9.56 -11.51
CA ILE A 58 -2.24 -8.83 -10.94
C ILE A 58 -2.29 -9.02 -9.43
N LEU A 59 -1.21 -9.52 -8.82
CA LEU A 59 -1.14 -9.71 -7.36
C LEU A 59 -0.26 -8.60 -6.79
N ASP A 60 -0.85 -7.67 -6.04
CA ASP A 60 -0.06 -6.58 -5.50
C ASP A 60 0.79 -7.12 -4.38
N GLY A 61 2.11 -7.01 -4.52
CA GLY A 61 3.01 -7.55 -3.51
C GLY A 61 3.09 -6.81 -2.18
N ILE A 62 2.49 -5.63 -2.15
CA ILE A 62 2.49 -4.78 -0.97
C ILE A 62 3.92 -4.63 -0.48
N ASP A 63 4.25 -5.05 0.73
CA ASP A 63 5.62 -4.85 1.23
C ASP A 63 6.49 -6.08 1.03
N CYS A 64 5.99 -7.05 0.29
CA CYS A 64 6.74 -8.27 0.11
C CYS A 64 7.30 -8.52 -1.27
N THR A 65 8.51 -9.05 -1.31
CA THR A 65 9.11 -9.45 -2.57
C THR A 65 8.53 -10.86 -2.81
N LEU A 66 8.83 -11.49 -3.93
CA LEU A 66 8.27 -12.81 -4.18
C LEU A 66 8.93 -13.82 -3.29
N ILE A 67 10.25 -13.74 -3.18
CA ILE A 67 10.98 -14.66 -2.33
C ILE A 67 10.44 -14.70 -0.88
N ASP A 68 10.36 -13.56 -0.20
CA ASP A 68 9.83 -13.55 1.17
C ASP A 68 8.43 -14.07 1.24
N ALA A 69 7.68 -14.03 0.14
CA ALA A 69 6.33 -14.57 0.22
C ALA A 69 6.45 -16.08 -0.01
N LEU A 70 7.49 -16.48 -0.73
CA LEU A 70 7.75 -17.90 -1.04
C LEU A 70 8.18 -18.68 0.22
N LEU A 71 9.23 -18.17 0.87
CA LEU A 71 9.81 -18.75 2.10
C LEU A 71 8.76 -18.68 3.21
N GLY A 72 8.28 -17.49 3.52
CA GLY A 72 7.27 -17.37 4.55
C GLY A 72 7.49 -16.33 5.63
N ASP A 73 8.26 -15.29 5.33
CA ASP A 73 8.52 -14.21 6.28
C ASP A 73 7.17 -13.84 6.83
N PRO A 74 7.04 -13.82 8.17
CA PRO A 74 5.78 -13.49 8.87
C PRO A 74 4.84 -12.49 8.20
N HIS A 75 5.36 -11.33 7.79
CA HIS A 75 4.54 -10.29 7.18
C HIS A 75 4.11 -10.54 5.75
N CYS A 76 4.51 -11.67 5.19
CA CYS A 76 4.14 -12.05 3.84
C CYS A 76 3.20 -13.25 3.84
N ASP A 77 2.92 -13.80 5.01
CA ASP A 77 2.03 -14.96 5.13
C ASP A 77 0.62 -14.67 4.64
N VAL A 78 0.35 -13.40 4.43
CA VAL A 78 -0.93 -12.99 3.91
C VAL A 78 -1.03 -13.49 2.43
N PHE A 79 0.12 -13.81 1.83
CA PHE A 79 0.22 -14.30 0.44
C PHE A 79 0.33 -15.81 0.33
N GLN A 80 -0.11 -16.55 1.33
CA GLN A 80 0.02 -17.99 1.24
C GLN A 80 -0.90 -18.60 0.21
N ASN A 81 -0.34 -19.42 -0.66
CA ASN A 81 -1.15 -20.08 -1.67
C ASN A 81 -1.75 -19.18 -2.73
N GLU A 82 -1.21 -17.98 -2.89
CA GLU A 82 -1.73 -17.06 -3.89
C GLU A 82 -1.28 -17.46 -5.29
N THR A 83 -1.99 -16.91 -6.27
CA THR A 83 -1.72 -17.16 -7.69
C THR A 83 -1.78 -15.82 -8.41
N TRP A 84 -1.03 -15.70 -9.49
CA TRP A 84 -1.01 -14.47 -10.25
C TRP A 84 -0.68 -14.72 -11.69
N ASP A 85 -0.87 -13.67 -12.48
CA ASP A 85 -0.52 -13.68 -13.88
C ASP A 85 0.72 -12.82 -13.83
N LEU A 86 0.62 -11.70 -13.14
CA LEU A 86 1.73 -10.77 -12.98
C LEU A 86 1.83 -10.34 -11.51
N PHE A 87 2.97 -10.66 -10.89
CA PHE A 87 3.25 -10.32 -9.49
C PHE A 87 3.88 -8.95 -9.54
N VAL A 88 3.41 -8.00 -8.75
CA VAL A 88 4.05 -6.68 -8.80
C VAL A 88 4.87 -6.39 -7.51
N GLU A 89 6.19 -6.45 -7.62
CA GLU A 89 7.10 -6.19 -6.49
C GLU A 89 7.36 -4.72 -6.32
N ARG A 90 7.25 -4.23 -5.09
CA ARG A 90 7.49 -2.81 -4.82
C ARG A 90 8.94 -2.49 -4.41
N SER A 91 9.40 -1.32 -4.83
CA SER A 91 10.76 -0.92 -4.56
C SER A 91 11.11 -0.92 -3.11
N LYS A 92 10.13 -0.65 -2.27
CA LYS A 92 10.38 -0.60 -0.82
C LYS A 92 9.96 -1.84 -0.03
N ALA A 93 9.76 -2.96 -0.72
CA ALA A 93 9.38 -4.20 -0.05
C ALA A 93 10.58 -4.54 0.83
N PHE A 94 10.33 -5.07 2.03
CA PHE A 94 11.41 -5.39 2.98
C PHE A 94 11.28 -6.75 3.68
N SER A 95 12.42 -7.27 4.15
CA SER A 95 12.45 -8.53 4.88
C SER A 95 12.52 -8.20 6.37
N ASN A 96 11.76 -8.93 7.17
CA ASN A 96 11.70 -8.69 8.60
C ASN A 96 11.72 -10.02 9.31
N CYS A 97 12.71 -10.85 8.99
CA CYS A 97 12.83 -12.18 9.55
C CYS A 97 14.31 -12.56 9.68
N TYR A 98 14.62 -13.84 9.68
CA TYR A 98 15.98 -14.28 9.85
C TYR A 98 16.80 -13.89 8.65
N PRO A 99 17.95 -13.24 8.85
CA PRO A 99 18.77 -12.84 7.70
C PRO A 99 19.17 -14.03 6.83
N TYR A 100 18.84 -13.94 5.54
CA TYR A 100 19.16 -15.00 4.59
C TYR A 100 19.80 -14.43 3.35
N ASP A 101 20.21 -15.31 2.46
CA ASP A 101 20.80 -14.91 1.22
C ASP A 101 20.45 -16.05 0.28
N VAL A 102 20.32 -15.76 -1.01
CA VAL A 102 19.98 -16.84 -1.93
C VAL A 102 21.04 -16.91 -3.02
N PRO A 103 21.72 -18.05 -3.12
CA PRO A 103 22.72 -18.12 -4.18
C PRO A 103 21.89 -18.36 -5.43
N ASP A 104 21.99 -17.44 -6.38
CA ASP A 104 21.22 -17.48 -7.64
C ASP A 104 19.78 -17.05 -7.38
N TYR A 105 19.64 -15.87 -6.77
CA TYR A 105 18.36 -15.30 -6.41
C TYR A 105 17.54 -15.04 -7.67
N ALA A 106 18.24 -14.56 -8.70
CA ALA A 106 17.65 -14.26 -9.99
C ALA A 106 16.87 -15.43 -10.55
N SER A 107 17.49 -16.60 -10.65
CA SER A 107 16.79 -17.76 -11.19
C SER A 107 15.69 -18.28 -10.31
N LEU A 108 15.85 -18.20 -8.99
CA LEU A 108 14.79 -18.73 -8.12
C LEU A 108 13.58 -17.87 -8.32
N ARG A 109 13.82 -16.56 -8.29
CA ARG A 109 12.75 -15.55 -8.47
C ARG A 109 12.06 -15.70 -9.84
N SER A 110 12.88 -15.89 -10.88
CA SER A 110 12.34 -16.07 -12.23
C SER A 110 11.40 -17.24 -12.27
N LEU A 111 11.90 -18.41 -11.88
CA LEU A 111 11.11 -19.62 -11.93
C LEU A 111 9.87 -19.67 -11.07
N VAL A 112 9.85 -18.97 -9.94
CA VAL A 112 8.64 -18.98 -9.14
C VAL A 112 7.64 -18.06 -9.83
N ALA A 113 8.15 -16.92 -10.29
CA ALA A 113 7.34 -15.90 -10.99
C ALA A 113 6.64 -16.51 -12.21
N SER A 114 7.41 -17.26 -12.97
CA SER A 114 6.93 -17.92 -14.13
C SER A 114 5.95 -19.02 -13.79
N SER A 115 6.10 -19.64 -12.62
CA SER A 115 5.19 -20.70 -12.20
C SER A 115 3.83 -20.11 -11.90
N GLY A 116 3.84 -18.95 -11.23
CA GLY A 116 2.62 -18.23 -10.93
C GLY A 116 1.76 -18.73 -9.80
N THR A 117 2.38 -19.47 -8.91
CA THR A 117 1.64 -20.01 -7.79
C THR A 117 2.51 -20.19 -6.55
N LEU A 118 1.90 -19.97 -5.40
CA LEU A 118 2.58 -20.14 -4.11
C LEU A 118 1.87 -21.23 -3.31
N GLU A 119 1.13 -22.09 -4.00
CA GLU A 119 0.41 -23.14 -3.32
C GLU A 119 1.38 -24.20 -2.82
N PHE A 120 1.38 -24.31 -1.50
CA PHE A 120 2.24 -25.24 -0.76
C PHE A 120 1.41 -26.42 -0.35
N ILE A 121 2.05 -27.57 -0.34
CA ILE A 121 1.42 -28.81 0.07
C ILE A 121 2.37 -29.33 1.15
N THR A 122 1.88 -29.36 2.39
CA THR A 122 2.65 -29.80 3.54
C THR A 122 2.82 -31.31 3.51
N GLU A 123 4.06 -31.76 3.66
CA GLU A 123 4.32 -33.20 3.62
C GLU A 123 4.73 -33.81 4.96
N GLY A 124 4.43 -35.09 5.14
CA GLY A 124 4.75 -35.79 6.36
C GLY A 124 6.21 -36.13 6.57
N PHE A 125 7.06 -35.11 6.64
CA PHE A 125 8.48 -35.31 6.87
C PHE A 125 8.60 -35.64 8.34
N THR A 126 9.34 -36.70 8.66
CA THR A 126 9.51 -37.11 10.05
C THR A 126 10.96 -36.89 10.45
N TRP A 127 11.16 -35.95 11.36
CA TRP A 127 12.51 -35.64 11.82
C TRP A 127 12.84 -36.32 13.14
N THR A 128 13.46 -37.50 13.00
CA THR A 128 13.83 -38.37 14.11
C THR A 128 14.93 -37.91 15.09
N GLY A 129 14.52 -37.54 16.29
CA GLY A 129 15.45 -37.14 17.33
C GLY A 129 16.25 -35.87 17.12
N VAL A 130 15.54 -34.78 16.91
CA VAL A 130 16.13 -33.45 16.72
C VAL A 130 15.02 -32.54 17.23
N THR A 131 15.35 -31.30 17.51
CA THR A 131 14.31 -30.40 17.95
C THR A 131 13.85 -29.56 16.75
N GLN A 132 12.59 -29.80 16.38
CA GLN A 132 11.93 -29.13 15.28
C GLN A 132 11.44 -27.72 15.65
N ASN A 133 10.99 -27.01 14.62
CA ASN A 133 10.41 -25.68 14.74
C ASN A 133 11.16 -24.58 15.47
N GLY A 134 12.46 -24.50 15.25
CA GLY A 134 13.24 -23.44 15.88
C GLY A 134 12.75 -22.06 15.45
N GLY A 135 12.89 -21.07 16.32
CA GLY A 135 12.45 -19.72 15.99
C GLY A 135 13.53 -18.73 16.37
N SER A 136 13.31 -17.46 16.11
CA SER A 136 14.27 -16.41 16.43
C SER A 136 13.55 -15.11 16.70
N ASN A 137 14.18 -14.21 17.42
CA ASN A 137 13.56 -12.94 17.72
C ASN A 137 13.87 -11.95 16.63
N ALA A 138 14.51 -12.47 15.57
CA ALA A 138 14.85 -11.70 14.38
C ALA A 138 13.60 -11.82 13.50
N CYS A 139 13.01 -13.02 13.51
CA CYS A 139 11.80 -13.32 12.73
C CYS A 139 10.62 -13.43 13.69
N LYS A 140 10.40 -12.40 14.49
CA LYS A 140 9.30 -12.48 15.43
C LYS A 140 7.99 -12.69 14.70
N ARG A 141 7.23 -13.67 15.16
CA ARG A 141 5.94 -13.96 14.59
C ARG A 141 4.90 -13.71 15.69
N GLY A 142 4.60 -12.44 15.90
CA GLY A 142 3.64 -12.08 16.92
C GLY A 142 4.44 -11.52 18.08
N PRO A 143 3.97 -11.74 19.32
CA PRO A 143 4.71 -11.22 20.47
C PRO A 143 5.96 -12.04 20.73
N GLY A 144 5.97 -13.27 20.22
CA GLY A 144 7.12 -14.14 20.42
C GLY A 144 8.04 -14.27 19.23
N SER A 145 9.10 -15.07 19.41
CA SER A 145 10.08 -15.31 18.36
C SER A 145 9.45 -16.26 17.34
N GLY A 146 10.05 -16.35 16.15
CA GLY A 146 9.49 -17.21 15.12
C GLY A 146 10.44 -17.47 13.98
N PHE A 147 9.91 -17.94 12.86
CA PHE A 147 10.75 -18.23 11.70
C PHE A 147 9.89 -18.16 10.41
N PHE A 148 10.45 -18.64 9.30
CA PHE A 148 9.80 -18.68 8.00
C PHE A 148 8.74 -19.78 7.98
N SER A 149 7.49 -19.37 7.81
CA SER A 149 6.41 -20.33 7.79
C SER A 149 6.60 -21.61 6.99
N ARG A 150 7.47 -21.65 5.98
CA ARG A 150 7.62 -22.89 5.18
C ARG A 150 8.93 -23.62 5.35
N LEU A 151 9.73 -23.17 6.30
CA LEU A 151 11.00 -23.82 6.59
C LEU A 151 10.96 -24.35 8.05
N ASN A 152 11.56 -25.52 8.25
CA ASN A 152 11.59 -26.16 9.55
C ASN A 152 13.01 -26.30 10.12
N TRP A 153 13.40 -25.34 10.95
CA TRP A 153 14.70 -25.32 11.61
C TRP A 153 14.88 -26.49 12.58
N LEU A 154 15.89 -27.32 12.33
CA LEU A 154 16.17 -28.48 13.15
C LEU A 154 17.44 -28.25 13.97
N THR A 155 17.30 -28.45 15.28
CA THR A 155 18.40 -28.29 16.22
C THR A 155 18.68 -29.64 16.90
N LYS A 156 19.86 -29.76 17.52
CA LYS A 156 20.26 -31.00 18.17
C LYS A 156 19.35 -31.38 19.31
N SER A 157 19.10 -32.69 19.45
CA SER A 157 18.24 -33.20 20.51
C SER A 157 19.05 -33.72 21.70
N GLY A 158 18.67 -33.30 22.89
CA GLY A 158 19.40 -33.74 24.05
C GLY A 158 20.84 -33.27 23.98
N SER A 159 21.71 -34.10 23.43
CA SER A 159 23.12 -33.73 23.38
C SER A 159 23.80 -34.27 22.14
N THR A 160 22.99 -34.63 21.15
CA THR A 160 23.54 -35.17 19.93
C THR A 160 22.66 -34.88 18.71
N TYR A 161 23.31 -34.60 17.58
CA TYR A 161 22.58 -34.34 16.36
C TYR A 161 22.90 -35.58 15.53
N PRO A 162 21.89 -36.42 15.30
CA PRO A 162 22.07 -37.64 14.52
C PRO A 162 22.13 -37.38 13.02
N VAL A 163 22.83 -38.25 12.29
CA VAL A 163 22.91 -38.10 10.85
C VAL A 163 21.54 -38.43 10.29
N LEU A 164 20.80 -37.37 9.97
CA LEU A 164 19.46 -37.45 9.40
C LEU A 164 19.51 -38.03 8.00
N ASN A 165 18.49 -38.79 7.63
CA ASN A 165 18.49 -39.43 6.32
C ASN A 165 17.07 -39.80 5.91
N VAL A 166 16.29 -38.76 5.57
CA VAL A 166 14.91 -38.92 5.16
C VAL A 166 14.76 -39.08 3.64
N THR A 167 13.58 -39.49 3.21
CA THR A 167 13.31 -39.66 1.80
C THR A 167 11.87 -39.19 1.60
N MET A 168 11.58 -38.75 0.38
CA MET A 168 10.25 -38.25 0.05
C MET A 168 10.07 -38.43 -1.46
N PRO A 169 9.32 -39.48 -1.85
CA PRO A 169 9.00 -39.88 -3.22
C PRO A 169 7.94 -39.08 -3.96
N ASN A 170 8.23 -38.71 -5.21
CA ASN A 170 7.27 -37.96 -6.01
C ASN A 170 6.33 -38.96 -6.63
N ASN A 171 5.24 -39.22 -5.93
CA ASN A 171 4.25 -40.17 -6.42
C ASN A 171 3.06 -39.50 -7.09
N ASP A 172 3.18 -38.20 -7.35
CA ASP A 172 2.13 -37.46 -8.02
C ASP A 172 2.58 -37.32 -9.48
N ASN A 173 1.68 -36.89 -10.35
CA ASN A 173 2.02 -36.73 -11.77
C ASN A 173 2.41 -35.30 -12.11
N PHE A 174 3.18 -34.67 -11.23
CA PHE A 174 3.63 -33.31 -11.47
C PHE A 174 4.94 -33.00 -10.80
N ASP A 175 5.64 -32.00 -11.33
CA ASP A 175 6.92 -31.58 -10.77
C ASP A 175 6.70 -30.96 -9.41
N LYS A 176 7.71 -31.03 -8.56
CA LYS A 176 7.63 -30.49 -7.21
C LYS A 176 8.79 -29.55 -6.93
N LEU A 177 8.49 -28.39 -6.36
CA LEU A 177 9.55 -27.45 -6.01
C LEU A 177 9.83 -27.57 -4.51
N TYR A 178 11.07 -27.90 -4.16
CA TYR A 178 11.47 -28.03 -2.75
C TYR A 178 12.42 -26.93 -2.34
N ILE A 179 11.96 -26.13 -1.38
CA ILE A 179 12.73 -25.01 -0.84
C ILE A 179 13.37 -25.38 0.52
N TRP A 180 14.69 -25.39 0.58
CA TRP A 180 15.43 -25.71 1.80
C TRP A 180 16.59 -24.76 2.00
N GLY A 181 17.29 -24.89 3.12
CA GLY A 181 18.41 -23.99 3.35
C GLY A 181 19.54 -24.58 4.17
N ILE A 182 20.48 -23.74 4.56
CA ILE A 182 21.59 -24.16 5.40
C ILE A 182 21.85 -23.00 6.35
N HIS A 183 22.24 -23.33 7.58
CA HIS A 183 22.53 -22.32 8.61
C HIS A 183 24.02 -22.02 8.64
N HIS A 184 24.38 -20.83 9.07
CA HIS A 184 25.78 -20.46 9.14
C HIS A 184 25.99 -19.79 10.48
N PRO A 185 26.35 -20.56 11.52
CA PRO A 185 26.57 -19.96 12.84
C PRO A 185 27.78 -19.04 12.75
N SER A 186 27.74 -17.92 13.46
CA SER A 186 28.85 -16.98 13.45
C SER A 186 30.01 -17.37 14.37
N THR A 187 29.74 -18.30 15.27
CA THR A 187 30.71 -18.77 16.25
C THR A 187 30.69 -20.29 16.36
N ASN A 188 31.82 -20.86 16.73
CA ASN A 188 31.90 -22.31 16.91
C ASN A 188 31.12 -22.70 18.16
N GLN A 189 30.88 -21.74 19.03
CA GLN A 189 30.09 -21.97 20.24
C GLN A 189 28.74 -22.36 19.69
N GLU A 190 28.16 -21.40 18.96
CA GLU A 190 26.84 -21.52 18.33
C GLU A 190 26.71 -22.83 17.54
N GLN A 191 27.73 -23.12 16.72
CA GLN A 191 27.79 -24.32 15.91
C GLN A 191 27.53 -25.57 16.76
N THR A 192 28.47 -25.91 17.64
CA THR A 192 28.33 -27.07 18.52
C THR A 192 27.11 -26.94 19.42
N SER A 193 26.81 -25.71 19.85
CA SER A 193 25.66 -25.46 20.68
C SER A 193 24.40 -25.98 20.01
N LEU A 194 24.13 -25.47 18.80
CA LEU A 194 22.94 -25.82 18.04
C LEU A 194 23.01 -27.21 17.42
N TYR A 195 24.09 -27.44 16.70
CA TYR A 195 24.32 -28.70 15.98
C TYR A 195 25.61 -29.19 16.61
N VAL A 196 25.46 -30.17 17.49
CA VAL A 196 26.56 -30.72 18.26
C VAL A 196 27.82 -31.06 17.47
N GLN A 197 27.70 -31.26 16.17
CA GLN A 197 28.85 -31.69 15.42
C GLN A 197 30.01 -30.83 15.00
N ALA A 198 29.95 -29.52 15.23
CA ALA A 198 31.03 -28.59 14.86
C ALA A 198 31.27 -28.48 13.36
N SER A 199 31.05 -29.60 12.68
CA SER A 199 31.15 -29.68 11.25
C SER A 199 29.65 -29.61 10.92
N GLY A 200 29.29 -30.04 9.72
CA GLY A 200 27.90 -30.00 9.34
C GLY A 200 27.94 -29.96 7.85
N ARG A 201 27.01 -30.68 7.22
CA ARG A 201 26.96 -30.71 5.79
C ARG A 201 25.53 -31.08 5.45
N VAL A 202 25.05 -30.58 4.33
CA VAL A 202 23.71 -30.87 3.87
C VAL A 202 23.86 -31.53 2.51
N THR A 203 23.14 -32.60 2.26
CA THR A 203 23.23 -33.26 0.96
C THR A 203 21.85 -33.66 0.45
N VAL A 204 21.29 -32.81 -0.42
CA VAL A 204 19.97 -33.02 -1.01
C VAL A 204 20.08 -33.57 -2.42
N SER A 205 19.35 -34.64 -2.71
CA SER A 205 19.43 -35.22 -4.04
C SER A 205 18.27 -36.08 -4.47
N THR A 206 18.29 -36.40 -5.75
CA THR A 206 17.29 -37.22 -6.42
C THR A 206 18.12 -38.16 -7.28
N ARG A 207 17.47 -39.00 -8.07
CA ARG A 207 18.22 -39.93 -8.90
C ARG A 207 18.98 -39.22 -9.99
N ARG A 208 18.55 -37.99 -10.30
CA ARG A 208 19.15 -37.16 -11.35
C ARG A 208 20.14 -36.11 -10.87
N SER A 209 19.79 -35.43 -9.78
CA SER A 209 20.63 -34.37 -9.22
C SER A 209 21.19 -34.74 -7.87
N GLN A 210 22.15 -33.94 -7.41
CA GLN A 210 22.83 -34.14 -6.13
C GLN A 210 23.38 -32.81 -5.66
N GLN A 211 23.14 -32.44 -4.42
CA GLN A 211 23.66 -31.16 -3.92
C GLN A 211 24.19 -31.30 -2.50
N THR A 212 25.42 -30.85 -2.28
CA THR A 212 25.98 -30.92 -0.94
C THR A 212 26.46 -29.53 -0.58
N ILE A 213 25.91 -28.99 0.49
CA ILE A 213 26.27 -27.67 0.97
C ILE A 213 26.98 -27.77 2.35
N ILE A 214 28.12 -27.10 2.45
CA ILE A 214 28.91 -27.10 3.66
C ILE A 214 28.78 -25.71 4.27
N PRO A 215 28.30 -25.61 5.51
CA PRO A 215 28.13 -24.33 6.21
C PRO A 215 29.45 -23.62 6.45
N ASN A 216 29.37 -22.31 6.68
CA ASN A 216 30.55 -21.50 6.91
C ASN A 216 30.36 -20.73 8.20
N ILE A 217 31.22 -21.01 9.17
CA ILE A 217 31.15 -20.31 10.45
C ILE A 217 31.86 -18.98 10.27
N GLY A 218 31.34 -17.92 10.88
CA GLY A 218 31.99 -16.64 10.74
C GLY A 218 31.15 -15.41 11.08
N SER A 219 31.83 -14.30 11.25
CA SER A 219 31.16 -13.07 11.61
C SER A 219 30.67 -12.19 10.44
N ARG A 220 29.37 -11.90 10.46
CA ARG A 220 28.75 -11.04 9.46
C ARG A 220 28.26 -9.77 10.18
N PRO A 221 27.80 -8.75 9.42
CA PRO A 221 27.33 -7.54 10.11
C PRO A 221 26.04 -7.91 10.82
N TRP A 222 25.72 -7.16 11.87
CA TRP A 222 24.50 -7.43 12.60
C TRP A 222 23.40 -7.10 11.61
N VAL A 223 22.42 -8.01 11.52
CA VAL A 223 21.24 -7.83 10.67
C VAL A 223 20.14 -8.46 11.51
N ARG A 224 19.24 -7.60 12.00
CA ARG A 224 18.13 -8.03 12.86
C ARG A 224 18.68 -8.84 14.04
N GLY A 225 19.60 -8.19 14.75
CA GLY A 225 20.24 -8.82 15.90
C GLY A 225 21.35 -9.71 15.40
N LEU A 226 20.98 -10.75 14.67
CA LEU A 226 21.92 -11.74 14.18
C LEU A 226 23.18 -11.36 13.40
N SER A 227 24.07 -12.33 13.33
CA SER A 227 25.36 -12.22 12.65
C SER A 227 25.60 -13.55 11.93
N SER A 228 24.59 -14.40 11.98
CA SER A 228 24.64 -15.67 11.29
C SER A 228 23.66 -15.44 10.11
N ARG A 229 23.65 -16.36 9.16
CA ARG A 229 22.79 -16.23 7.99
C ARG A 229 22.31 -17.60 7.64
N ILE A 230 21.44 -17.63 6.65
CA ILE A 230 20.88 -18.86 6.15
C ILE A 230 20.97 -18.70 4.67
N SER A 231 21.41 -19.74 3.96
CA SER A 231 21.50 -19.74 2.50
C SER A 231 20.36 -20.60 1.99
N ILE A 232 19.57 -20.07 1.06
CA ILE A 232 18.45 -20.85 0.51
C ILE A 232 18.85 -21.54 -0.79
N TYR A 233 18.37 -22.76 -0.98
CA TYR A 233 18.66 -23.55 -2.18
C TYR A 233 17.32 -24.15 -2.60
N TRP A 234 17.28 -24.86 -3.71
CA TRP A 234 16.01 -25.44 -4.13
C TRP A 234 16.25 -26.69 -4.92
N THR A 235 15.21 -27.52 -5.01
CA THR A 235 15.34 -28.76 -5.77
C THR A 235 13.99 -29.08 -6.33
N ILE A 236 13.99 -29.40 -7.62
CA ILE A 236 12.76 -29.73 -8.30
C ILE A 236 12.75 -31.25 -8.45
N VAL A 237 11.67 -31.87 -8.00
CA VAL A 237 11.55 -33.32 -8.10
C VAL A 237 10.57 -33.72 -9.21
N LYS A 238 11.10 -34.35 -10.24
CA LYS A 238 10.27 -34.77 -11.34
C LYS A 238 9.47 -35.98 -10.93
N PRO A 239 8.26 -36.17 -11.48
CA PRO A 239 7.42 -37.32 -11.13
C PRO A 239 8.15 -38.63 -11.20
N GLY A 240 7.93 -39.45 -10.17
CA GLY A 240 8.55 -40.75 -10.09
C GLY A 240 9.97 -40.77 -9.54
N ASP A 241 10.52 -39.59 -9.28
CA ASP A 241 11.86 -39.50 -8.75
C ASP A 241 11.64 -39.35 -7.25
N VAL A 242 12.72 -39.44 -6.47
CA VAL A 242 12.58 -39.32 -5.04
C VAL A 242 13.58 -38.33 -4.46
N LEU A 243 13.16 -37.62 -3.44
CA LEU A 243 14.02 -36.66 -2.77
C LEU A 243 14.60 -37.39 -1.54
N VAL A 244 15.86 -37.11 -1.20
CA VAL A 244 16.50 -37.77 -0.05
C VAL A 244 17.37 -36.76 0.71
N ILE A 245 16.84 -36.19 1.80
CA ILE A 245 17.63 -35.23 2.56
C ILE A 245 18.58 -36.02 3.48
N ASN A 246 19.86 -35.69 3.45
CA ASN A 246 20.86 -36.39 4.25
C ASN A 246 21.88 -35.44 4.88
N SER A 247 21.83 -35.28 6.20
CA SER A 247 22.73 -34.37 6.92
C SER A 247 23.11 -34.71 8.37
N ASN A 248 24.14 -34.04 8.87
CA ASN A 248 24.63 -34.22 10.23
C ASN A 248 24.65 -32.86 10.94
N GLY A 249 23.77 -31.96 10.51
CA GLY A 249 23.72 -30.65 11.16
C GLY A 249 23.69 -29.43 10.26
N ASN A 250 23.01 -28.39 10.73
CA ASN A 250 22.85 -27.11 10.04
C ASN A 250 21.70 -27.07 9.04
N LEU A 251 21.03 -28.19 8.87
CA LEU A 251 19.91 -28.29 7.93
C LEU A 251 18.78 -27.38 8.33
N ILE A 252 18.14 -26.75 7.35
CA ILE A 252 17.00 -25.88 7.60
C ILE A 252 15.93 -26.51 6.73
N ALA A 253 15.54 -27.70 7.12
CA ALA A 253 14.57 -28.53 6.44
C ALA A 253 13.29 -27.90 5.89
N PRO A 254 12.69 -28.53 4.86
CA PRO A 254 11.44 -28.12 4.19
C PRO A 254 10.24 -28.64 4.97
N ARG A 255 9.04 -28.31 4.51
CA ARG A 255 7.80 -28.75 5.17
C ARG A 255 6.81 -29.33 4.17
N GLY A 256 7.28 -29.45 2.94
CA GLY A 256 6.46 -29.97 1.86
C GLY A 256 7.01 -29.32 0.61
N TYR A 257 6.19 -29.28 -0.43
CA TYR A 257 6.59 -28.70 -1.70
C TYR A 257 5.61 -27.68 -2.20
N PHE A 258 6.05 -26.88 -3.16
CA PHE A 258 5.21 -25.89 -3.81
C PHE A 258 4.89 -26.49 -5.16
N LYS A 259 3.65 -26.34 -5.63
CA LYS A 259 3.29 -26.90 -6.94
C LYS A 259 3.85 -26.03 -8.05
N MET A 260 4.30 -26.66 -9.13
CA MET A 260 4.82 -25.91 -10.26
C MET A 260 3.82 -25.94 -11.42
N ARG A 261 3.55 -24.77 -12.00
CA ARG A 261 2.64 -24.64 -13.14
C ARG A 261 3.40 -23.90 -14.25
N THR A 262 3.19 -24.31 -15.49
CA THR A 262 3.82 -23.64 -16.64
C THR A 262 2.71 -22.77 -17.20
N GLY A 263 3.02 -21.52 -17.53
CA GLY A 263 1.98 -20.64 -18.04
C GLY A 263 2.44 -19.23 -18.33
N LYS A 264 1.47 -18.33 -18.49
CA LYS A 264 1.73 -16.94 -18.84
C LYS A 264 2.12 -16.01 -17.69
N SER A 265 2.61 -16.55 -16.59
CA SER A 265 2.92 -15.73 -15.43
C SER A 265 4.28 -15.12 -15.41
N SER A 266 4.40 -14.04 -14.67
CA SER A 266 5.67 -13.35 -14.55
C SER A 266 5.68 -12.40 -13.37
N ILE A 267 6.65 -11.49 -13.33
CA ILE A 267 6.79 -10.56 -12.24
C ILE A 267 7.28 -9.20 -12.71
N MET A 268 6.83 -8.14 -12.06
CA MET A 268 7.21 -6.79 -12.44
C MET A 268 7.47 -5.89 -11.24
N ARG A 269 8.52 -5.09 -11.33
CA ARG A 269 8.87 -4.14 -10.28
C ARG A 269 8.20 -2.83 -10.61
N SER A 270 7.37 -2.34 -9.70
CA SER A 270 6.70 -1.08 -9.93
C SER A 270 6.02 -0.58 -8.68
N ASP A 271 6.15 0.72 -8.41
CA ASP A 271 5.47 1.34 -7.25
C ASP A 271 4.21 2.05 -7.73
N ALA A 272 3.79 1.68 -8.94
CA ALA A 272 2.61 2.25 -9.58
C ALA A 272 1.34 1.69 -8.96
N PRO A 273 0.32 2.54 -8.80
CA PRO A 273 -0.97 2.14 -8.22
C PRO A 273 -1.62 1.09 -9.09
N ILE A 274 -2.49 0.27 -8.51
CA ILE A 274 -3.19 -0.76 -9.27
C ILE A 274 -4.64 -0.35 -9.19
N ASP A 275 -5.16 0.11 -10.31
CA ASP A 275 -6.53 0.59 -10.41
C ASP A 275 -7.41 -0.44 -11.03
N THR A 276 -8.68 -0.29 -10.76
CA THR A 276 -9.69 -1.17 -11.28
C THR A 276 -10.04 -0.75 -12.73
N CYS A 277 -9.20 -1.12 -13.69
CA CYS A 277 -9.46 -0.81 -15.10
C CYS A 277 -9.15 -1.96 -16.05
N ILE A 278 -9.31 -1.72 -17.34
CA ILE A 278 -9.06 -2.76 -18.31
C ILE A 278 -7.99 -2.34 -19.28
N SER A 279 -6.99 -3.21 -19.43
CA SER A 279 -5.83 -3.04 -20.29
C SER A 279 -5.11 -4.36 -20.35
N GLU A 280 -4.62 -4.69 -21.54
CA GLU A 280 -3.91 -5.94 -21.78
C GLU A 280 -2.42 -5.73 -21.82
N CYS A 281 -2.00 -4.47 -21.78
CA CYS A 281 -0.58 -4.15 -21.85
C CYS A 281 -0.18 -3.44 -20.59
N ILE A 282 0.76 -4.03 -19.85
CA ILE A 282 1.22 -3.45 -18.61
C ILE A 282 2.68 -3.12 -18.66
N THR A 283 3.06 -1.97 -18.09
CA THR A 283 4.46 -1.58 -18.02
C THR A 283 4.67 -0.94 -16.65
N PRO A 284 5.92 -0.92 -16.16
CA PRO A 284 6.20 -0.32 -14.86
C PRO A 284 5.50 1.01 -14.66
N ASN A 285 5.37 1.80 -15.74
CA ASN A 285 4.75 3.13 -15.69
C ASN A 285 3.23 3.14 -15.59
N GLY A 286 2.61 2.02 -15.85
CA GLY A 286 1.16 1.99 -15.79
C GLY A 286 0.77 1.26 -17.04
N SER A 287 -0.53 1.09 -17.27
CA SER A 287 -0.95 0.42 -18.49
C SER A 287 -0.95 1.45 -19.61
N ILE A 288 -0.79 0.96 -20.84
CA ILE A 288 -0.80 1.82 -22.01
C ILE A 288 -1.70 1.12 -23.02
N PRO A 289 -2.46 1.90 -23.80
CA PRO A 289 -3.35 1.28 -24.79
C PRO A 289 -2.54 0.71 -25.93
N ASN A 290 -2.94 -0.44 -26.43
CA ASN A 290 -2.23 -1.04 -27.52
C ASN A 290 -2.95 -0.86 -28.86
N ASP A 291 -3.46 0.33 -29.09
CA ASP A 291 -4.15 0.62 -30.35
C ASP A 291 -3.11 0.85 -31.45
N LYS A 292 -1.97 1.43 -31.07
CA LYS A 292 -0.88 1.68 -31.98
C LYS A 292 0.05 0.46 -32.00
N PRO A 293 0.91 0.36 -33.01
CA PRO A 293 1.80 -0.80 -33.07
C PRO A 293 3.14 -0.59 -32.37
N PHE A 294 3.44 0.65 -32.02
CA PHE A 294 4.70 0.96 -31.38
C PHE A 294 4.46 1.74 -30.09
N GLN A 295 5.41 1.67 -29.16
CA GLN A 295 5.32 2.39 -27.90
C GLN A 295 6.69 2.82 -27.50
N ASN A 296 6.72 3.87 -26.70
CA ASN A 296 7.97 4.46 -26.28
C ASN A 296 7.84 4.75 -24.78
N VAL A 297 7.02 3.96 -24.07
CA VAL A 297 6.86 4.16 -22.63
C VAL A 297 7.89 3.40 -21.78
N ASN A 298 8.04 2.09 -22.02
CA ASN A 298 9.00 1.27 -21.28
C ASN A 298 9.35 0.00 -22.06
N LYS A 299 10.62 -0.41 -22.06
CA LYS A 299 11.00 -1.63 -22.77
C LYS A 299 10.65 -2.86 -21.97
N ILE A 300 10.04 -2.63 -20.82
CA ILE A 300 9.60 -3.69 -19.92
C ILE A 300 8.09 -3.69 -20.04
N THR A 301 7.53 -4.78 -20.55
CA THR A 301 6.08 -4.85 -20.71
C THR A 301 5.63 -6.28 -20.49
N TYR A 302 4.36 -6.44 -20.16
CA TYR A 302 3.79 -7.75 -19.98
C TYR A 302 2.40 -7.63 -20.57
N GLY A 303 2.06 -8.60 -21.42
CA GLY A 303 0.75 -8.62 -22.05
C GLY A 303 0.86 -8.44 -23.56
N ALA A 304 -0.26 -8.09 -24.19
CA ALA A 304 -0.31 -7.84 -25.64
C ALA A 304 0.11 -6.38 -25.79
N CYS A 305 1.39 -6.14 -26.10
CA CYS A 305 1.90 -4.77 -26.19
C CYS A 305 2.58 -4.29 -27.45
N PRO A 306 2.55 -2.97 -27.67
CA PRO A 306 3.18 -2.33 -28.82
C PRO A 306 4.69 -2.59 -28.66
N LYS A 307 5.37 -2.88 -29.76
CA LYS A 307 6.78 -3.11 -29.72
C LYS A 307 7.37 -1.82 -29.19
N TYR A 308 8.51 -1.89 -28.53
CA TYR A 308 9.10 -0.69 -27.99
C TYR A 308 10.14 -0.25 -28.98
N VAL A 309 10.20 1.08 -29.18
CA VAL A 309 11.15 1.70 -30.08
C VAL A 309 11.62 2.96 -29.40
N LYS A 310 12.70 3.53 -29.93
CA LYS A 310 13.27 4.74 -29.38
C LYS A 310 12.57 6.05 -29.78
N GLN A 311 11.83 6.04 -30.88
CA GLN A 311 11.16 7.21 -31.38
C GLN A 311 9.96 7.63 -30.55
N ASN A 312 9.84 8.93 -30.28
CA ASN A 312 8.67 9.40 -29.52
C ASN A 312 7.47 9.65 -30.40
N THR A 313 7.70 9.66 -31.71
CA THR A 313 6.63 9.86 -32.64
C THR A 313 7.01 9.37 -34.04
N LEU A 314 6.02 8.86 -34.75
CA LEU A 314 6.15 8.37 -36.13
C LEU A 314 4.73 8.47 -36.71
N LYS A 315 4.48 9.56 -37.44
CA LYS A 315 3.16 9.82 -38.05
C LYS A 315 3.06 9.09 -39.38
N LEU A 316 2.04 8.27 -39.56
CA LEU A 316 1.90 7.58 -40.84
C LEU A 316 0.90 8.43 -41.63
N ALA A 317 1.28 8.85 -42.85
CA ALA A 317 0.41 9.66 -43.74
C ALA A 317 -0.81 8.87 -44.14
N THR A 318 -1.98 9.38 -43.77
CA THR A 318 -3.26 8.74 -44.08
C THR A 318 -4.02 9.68 -45.01
N GLY A 319 -3.29 10.46 -45.78
CA GLY A 319 -3.92 11.41 -46.67
C GLY A 319 -2.98 11.74 -47.80
N MET A 320 -3.45 12.55 -48.71
CA MET A 320 -2.62 12.91 -49.86
C MET A 320 -1.89 14.13 -49.44
N ARG A 321 -1.01 14.57 -50.33
CA ARG A 321 -0.23 15.77 -50.14
C ARG A 321 -1.18 16.97 -50.02
N ASN A 322 -0.81 17.96 -49.22
CA ASN A 322 -1.65 19.12 -49.00
C ASN A 322 -1.05 20.33 -49.67
N VAL A 323 -1.72 20.81 -50.71
CA VAL A 323 -1.26 21.99 -51.44
C VAL A 323 -2.41 23.00 -51.28
N PRO A 324 -2.35 23.80 -50.21
CA PRO A 324 -3.38 24.82 -49.92
C PRO A 324 -3.41 25.96 -50.91
N GLU A 325 -4.57 26.59 -51.02
CA GLU A 325 -4.76 27.69 -51.95
C GLU A 325 -3.97 28.91 -51.49
N LYS A 326 -2.95 29.26 -52.13
N GLY B 1 3.74 13.52 -57.05
CA GLY B 1 4.85 12.55 -56.85
C GLY B 1 5.35 12.02 -58.18
N LEU B 2 5.41 10.71 -58.30
CA LEU B 2 5.87 10.11 -59.54
C LEU B 2 5.07 10.55 -60.78
N PHE B 3 3.86 11.02 -60.56
CA PHE B 3 2.98 11.40 -61.65
C PHE B 3 2.92 12.83 -62.15
N GLY B 4 2.95 13.81 -61.27
CA GLY B 4 2.96 15.19 -61.74
C GLY B 4 1.67 15.93 -61.57
N ALA B 5 0.58 15.24 -61.27
CA ALA B 5 -0.67 15.92 -61.11
C ALA B 5 -0.67 16.75 -59.84
N ILE B 6 -0.70 16.08 -58.67
CA ILE B 6 -0.71 16.78 -57.37
C ILE B 6 0.54 17.57 -57.06
N ALA B 7 0.37 18.83 -56.72
CA ALA B 7 1.48 19.72 -56.45
C ALA B 7 2.36 19.62 -57.69
N GLY B 8 1.70 19.45 -58.85
CA GLY B 8 2.38 19.34 -60.14
C GLY B 8 1.70 20.17 -61.20
N PHE B 9 0.95 19.53 -62.12
CA PHE B 9 0.28 20.26 -63.18
C PHE B 9 -1.06 20.82 -62.73
N ILE B 10 -1.47 20.43 -61.52
CA ILE B 10 -2.68 20.96 -60.93
C ILE B 10 -2.13 21.89 -59.87
N GLU B 11 -2.02 23.16 -60.23
CA GLU B 11 -1.47 24.20 -59.39
C GLU B 11 -1.65 24.06 -57.88
N ASN B 12 -2.84 23.74 -57.44
CA ASN B 12 -3.09 23.60 -56.03
C ASN B 12 -4.40 22.92 -55.78
N GLY B 13 -4.73 22.75 -54.51
CA GLY B 13 -5.94 22.03 -54.19
C GLY B 13 -7.04 22.94 -53.81
N TRP B 14 -8.24 22.38 -53.67
CA TRP B 14 -9.42 23.13 -53.32
C TRP B 14 -9.79 23.00 -51.88
N GLU B 15 -9.51 24.04 -51.10
CA GLU B 15 -9.83 24.05 -49.67
C GLU B 15 -11.35 23.87 -49.53
N GLY B 16 -12.09 24.29 -50.54
CA GLY B 16 -13.53 24.17 -50.42
C GLY B 16 -14.17 22.82 -50.67
N MET B 17 -13.50 21.94 -51.41
CA MET B 17 -14.10 20.65 -51.68
C MET B 17 -14.10 19.77 -50.46
N ILE B 18 -15.21 19.78 -49.73
CA ILE B 18 -15.32 19.01 -48.50
C ILE B 18 -16.15 17.74 -48.61
N ASP B 19 -16.58 17.38 -49.83
CA ASP B 19 -17.41 16.18 -50.07
C ASP B 19 -16.72 14.99 -50.74
N GLY B 20 -15.45 15.17 -51.09
CA GLY B 20 -14.71 14.10 -51.75
C GLY B 20 -13.26 14.46 -51.74
N TRP B 21 -12.42 13.59 -52.28
CA TRP B 21 -10.99 13.87 -52.30
C TRP B 21 -10.55 14.49 -53.62
N TYR B 22 -11.13 13.96 -54.70
CA TYR B 22 -10.86 14.39 -56.06
C TYR B 22 -12.17 14.93 -56.60
N GLY B 23 -12.11 15.92 -57.48
CA GLY B 23 -13.36 16.44 -57.97
C GLY B 23 -13.27 17.26 -59.24
N PHE B 24 -14.41 17.79 -59.62
CA PHE B 24 -14.57 18.61 -60.81
C PHE B 24 -15.13 20.00 -60.53
N ARG B 25 -14.72 20.93 -61.38
CA ARG B 25 -15.18 22.29 -61.34
C ARG B 25 -15.38 22.68 -62.79
N HIS B 26 -16.59 23.08 -63.14
CA HIS B 26 -16.88 23.49 -64.51
C HIS B 26 -17.39 24.92 -64.58
N GLN B 27 -17.44 25.42 -65.80
CA GLN B 27 -17.92 26.76 -66.06
C GLN B 27 -18.47 26.72 -67.47
N ASN B 28 -19.79 26.63 -67.56
CA ASN B 28 -20.46 26.61 -68.83
C ASN B 28 -21.35 27.83 -68.97
N SER B 29 -22.33 27.75 -69.85
CA SER B 29 -23.26 28.84 -70.10
C SER B 29 -24.11 29.13 -68.85
N GLU B 30 -24.67 28.08 -68.27
CA GLU B 30 -25.50 28.22 -67.10
C GLU B 30 -24.80 28.76 -65.85
N GLY B 31 -23.48 28.66 -65.79
CA GLY B 31 -22.76 29.16 -64.62
C GLY B 31 -21.55 28.35 -64.17
N THR B 32 -21.37 28.21 -62.86
CA THR B 32 -20.26 27.44 -62.30
C THR B 32 -20.72 26.54 -61.17
N GLY B 33 -20.07 25.39 -61.03
CA GLY B 33 -20.43 24.44 -59.99
C GLY B 33 -19.25 23.57 -59.59
N GLN B 34 -19.47 22.69 -58.61
CA GLN B 34 -18.41 21.82 -58.14
C GLN B 34 -19.01 20.50 -57.69
N ALA B 35 -18.27 19.41 -57.89
CA ALA B 35 -18.73 18.08 -57.45
C ALA B 35 -17.59 17.07 -57.25
N ALA B 36 -17.62 16.40 -56.11
CA ALA B 36 -16.60 15.43 -55.76
C ALA B 36 -16.82 14.18 -56.56
N ASP B 37 -15.72 13.49 -56.91
CA ASP B 37 -15.84 12.23 -57.62
C ASP B 37 -15.72 11.15 -56.56
N LEU B 38 -16.85 10.57 -56.17
CA LEU B 38 -16.89 9.52 -55.16
C LEU B 38 -16.12 8.25 -55.50
N LYS B 39 -16.01 7.94 -56.78
CA LYS B 39 -15.32 6.74 -57.24
C LYS B 39 -13.80 6.77 -57.05
N SER B 40 -13.10 7.80 -57.53
CA SER B 40 -11.65 7.86 -57.37
C SER B 40 -11.33 8.16 -55.91
N THR B 41 -12.17 8.97 -55.27
CA THR B 41 -12.01 9.32 -53.87
C THR B 41 -11.99 8.04 -52.98
N GLN B 42 -12.83 7.06 -53.32
CA GLN B 42 -12.90 5.84 -52.55
C GLN B 42 -11.77 4.87 -52.89
N ALA B 43 -11.14 5.03 -54.05
CA ALA B 43 -10.04 4.16 -54.42
C ALA B 43 -8.84 4.55 -53.57
N ALA B 44 -8.62 5.84 -53.42
CA ALA B 44 -7.52 6.31 -52.62
C ALA B 44 -7.81 5.86 -51.18
N ILE B 45 -8.99 6.17 -50.68
CA ILE B 45 -9.32 5.81 -49.31
C ILE B 45 -9.16 4.32 -49.05
N ASP B 46 -9.75 3.48 -49.87
CA ASP B 46 -9.62 2.04 -49.67
C ASP B 46 -8.18 1.58 -49.54
N GLN B 47 -7.32 2.05 -50.44
CA GLN B 47 -5.92 1.68 -50.44
C GLN B 47 -5.20 2.15 -49.19
N ILE B 48 -5.46 3.38 -48.79
CA ILE B 48 -4.83 3.93 -47.59
C ILE B 48 -5.31 3.14 -46.34
N ASN B 49 -6.62 2.92 -46.20
CA ASN B 49 -7.12 2.17 -45.07
C ASN B 49 -6.57 0.74 -45.14
N GLY B 50 -6.17 0.31 -46.31
CA GLY B 50 -5.67 -1.04 -46.46
C GLY B 50 -4.28 -1.19 -45.88
N LYS B 51 -3.48 -0.14 -45.98
CA LYS B 51 -2.14 -0.25 -45.45
C LYS B 51 -2.23 0.04 -43.97
N LEU B 52 -3.17 0.89 -43.61
CA LEU B 52 -3.37 1.23 -42.23
C LEU B 52 -3.64 -0.05 -41.44
N ASN B 53 -4.52 -0.91 -41.94
CA ASN B 53 -4.79 -2.15 -41.25
C ASN B 53 -3.56 -3.04 -41.14
N ARG B 54 -2.82 -3.19 -42.23
CA ARG B 54 -1.63 -4.03 -42.24
C ARG B 54 -0.71 -3.56 -41.12
N VAL B 55 -0.41 -2.26 -41.11
CA VAL B 55 0.48 -1.65 -40.14
C VAL B 55 0.09 -1.79 -38.69
N ILE B 56 -1.04 -1.22 -38.29
CA ILE B 56 -1.45 -1.28 -36.92
C ILE B 56 -2.15 -2.60 -36.67
N GLU B 57 -1.54 -3.70 -37.09
CA GLU B 57 -2.16 -5.01 -36.91
C GLU B 57 -2.03 -5.63 -35.52
N LYS B 58 -1.83 -6.95 -35.44
CA LYS B 58 -1.77 -7.53 -34.11
C LYS B 58 -0.55 -7.78 -33.32
N THR B 59 -0.55 -6.98 -32.28
CA THR B 59 0.39 -6.84 -31.21
C THR B 59 1.38 -7.94 -30.86
N ASN B 60 2.49 -7.51 -30.24
CA ASN B 60 3.52 -8.43 -29.82
C ASN B 60 3.00 -9.61 -28.97
N GLU B 61 2.54 -9.32 -27.74
CA GLU B 61 2.08 -10.32 -26.75
C GLU B 61 3.16 -11.24 -26.16
N LYS B 62 3.96 -10.68 -25.27
CA LYS B 62 5.00 -11.42 -24.60
C LYS B 62 4.62 -11.47 -23.09
N PHE B 63 5.03 -12.53 -22.40
CA PHE B 63 4.77 -12.68 -20.98
C PHE B 63 6.05 -12.67 -20.12
N HIS B 64 6.53 -13.80 -19.62
CA HIS B 64 7.79 -13.80 -18.85
C HIS B 64 8.93 -13.71 -19.89
N GLN B 65 9.88 -12.78 -19.68
CA GLN B 65 10.98 -12.60 -20.62
C GLN B 65 12.38 -12.65 -20.01
N ILE B 66 13.00 -11.50 -19.74
CA ILE B 66 14.31 -11.43 -19.11
C ILE B 66 14.34 -10.07 -18.42
N GLU B 67 15.27 -9.84 -17.50
CA GLU B 67 15.30 -8.57 -16.78
C GLU B 67 15.98 -7.50 -17.61
N LYS B 68 15.48 -6.26 -17.54
CA LYS B 68 16.03 -5.17 -18.36
C LYS B 68 16.53 -4.03 -17.53
N GLU B 69 16.32 -4.09 -16.24
CA GLU B 69 16.82 -3.07 -15.35
C GLU B 69 17.55 -3.80 -14.23
N PHE B 70 18.74 -3.32 -13.88
CA PHE B 70 19.55 -3.97 -12.85
C PHE B 70 19.99 -3.05 -11.69
N SER B 71 19.89 -3.55 -10.46
CA SER B 71 20.28 -2.77 -9.28
C SER B 71 21.72 -3.01 -8.83
N GLU B 72 22.27 -4.17 -9.15
CA GLU B 72 23.63 -4.50 -8.76
C GLU B 72 24.44 -4.74 -10.03
N VAL B 73 25.75 -4.52 -9.96
CA VAL B 73 26.67 -4.76 -11.07
C VAL B 73 27.16 -6.20 -11.00
N GLU B 74 27.06 -6.94 -12.11
CA GLU B 74 27.49 -8.34 -12.10
C GLU B 74 28.44 -8.77 -13.22
N GLY B 75 28.61 -7.97 -14.26
CA GLY B 75 29.48 -8.40 -15.34
C GLY B 75 28.87 -9.31 -16.41
N ARG B 76 29.70 -10.19 -16.92
CA ARG B 76 29.35 -11.10 -18.02
C ARG B 76 27.91 -11.44 -18.39
N ILE B 77 27.12 -12.04 -17.53
CA ILE B 77 25.77 -12.35 -17.95
C ILE B 77 25.00 -11.06 -18.14
N GLN B 78 25.09 -10.17 -17.15
CA GLN B 78 24.36 -8.91 -17.23
C GLN B 78 24.72 -8.09 -18.48
N ASP B 79 25.98 -8.17 -18.88
CA ASP B 79 26.48 -7.48 -20.06
C ASP B 79 25.69 -7.95 -21.28
N LEU B 80 25.68 -9.28 -21.46
CA LEU B 80 25.01 -9.95 -22.55
C LEU B 80 23.50 -9.72 -22.53
N GLU B 81 22.91 -9.71 -21.34
CA GLU B 81 21.47 -9.49 -21.22
C GLU B 81 21.11 -8.13 -21.76
N LYS B 82 21.88 -7.12 -21.39
CA LYS B 82 21.62 -5.77 -21.83
C LYS B 82 21.86 -5.60 -23.34
N TYR B 83 22.92 -6.19 -23.85
CA TYR B 83 23.25 -6.11 -25.26
C TYR B 83 22.13 -6.75 -26.06
N VAL B 84 21.61 -7.88 -25.59
CA VAL B 84 20.52 -8.54 -26.29
C VAL B 84 19.32 -7.58 -26.47
N GLU B 85 18.95 -6.88 -25.41
CA GLU B 85 17.81 -6.00 -25.48
C GLU B 85 18.12 -4.79 -26.33
N ASP B 86 19.31 -4.26 -26.15
CA ASP B 86 19.74 -3.08 -26.87
C ASP B 86 19.78 -3.28 -28.35
N THR B 87 20.39 -4.37 -28.79
CA THR B 87 20.46 -4.60 -30.21
C THR B 87 19.06 -4.87 -30.75
N LYS B 88 18.17 -5.35 -29.89
CA LYS B 88 16.79 -5.63 -30.33
C LYS B 88 16.05 -4.34 -30.57
N ILE B 89 16.03 -3.47 -29.57
CA ILE B 89 15.38 -2.18 -29.68
C ILE B 89 15.91 -1.44 -30.92
N ASP B 90 17.20 -1.50 -31.12
CA ASP B 90 17.81 -0.84 -32.26
C ASP B 90 17.27 -1.34 -33.61
N LEU B 91 17.12 -2.66 -33.74
CA LEU B 91 16.61 -3.27 -34.96
C LEU B 91 15.13 -2.94 -35.16
N TRP B 92 14.36 -2.90 -34.10
CA TRP B 92 12.94 -2.56 -34.23
C TRP B 92 12.75 -1.08 -34.48
N SER B 93 13.68 -0.25 -34.02
CA SER B 93 13.62 1.19 -34.20
C SER B 93 13.95 1.60 -35.65
N TYR B 94 14.69 0.75 -36.34
CA TYR B 94 15.06 0.97 -37.72
C TYR B 94 13.84 0.56 -38.54
N ASN B 95 13.38 -0.65 -38.33
CA ASN B 95 12.18 -1.14 -38.99
C ASN B 95 11.05 -0.12 -38.93
N ALA B 96 10.76 0.41 -37.76
CA ALA B 96 9.68 1.35 -37.65
C ALA B 96 9.97 2.57 -38.49
N GLU B 97 11.16 3.11 -38.38
CA GLU B 97 11.55 4.29 -39.15
C GLU B 97 11.33 4.02 -40.65
N LEU B 98 12.06 3.07 -41.22
CA LEU B 98 11.94 2.72 -42.64
C LEU B 98 10.50 2.46 -43.07
N LEU B 99 9.76 1.67 -42.31
CA LEU B 99 8.39 1.33 -42.67
C LEU B 99 7.57 2.60 -42.86
N VAL B 100 7.68 3.52 -41.93
CA VAL B 100 6.95 4.75 -42.02
C VAL B 100 7.39 5.65 -43.20
N ALA B 101 8.67 5.60 -43.58
CA ALA B 101 9.15 6.41 -44.69
C ALA B 101 8.72 5.81 -46.02
N LEU B 102 8.71 4.49 -46.13
CA LEU B 102 8.29 3.85 -47.38
C LEU B 102 6.80 4.11 -47.58
N GLU B 103 5.99 3.75 -46.60
CA GLU B 103 4.55 3.95 -46.68
C GLU B 103 4.19 5.38 -47.07
N ASN B 104 4.79 6.34 -46.38
CA ASN B 104 4.53 7.74 -46.66
C ASN B 104 4.82 8.10 -48.08
N GLN B 105 5.97 7.65 -48.61
CA GLN B 105 6.29 7.95 -50.00
C GLN B 105 5.20 7.36 -50.92
N HIS B 106 4.84 6.12 -50.67
CA HIS B 106 3.85 5.42 -51.46
C HIS B 106 2.47 6.03 -51.40
N THR B 107 2.07 6.49 -50.23
CA THR B 107 0.76 7.09 -50.04
C THR B 107 0.67 8.35 -50.91
N ILE B 108 1.75 9.11 -50.95
CA ILE B 108 1.80 10.30 -51.77
C ILE B 108 1.67 9.92 -53.26
N ASP B 109 2.60 9.13 -53.80
CA ASP B 109 2.57 8.68 -55.21
C ASP B 109 1.25 8.07 -55.62
N LEU B 110 0.68 7.27 -54.74
CA LEU B 110 -0.58 6.58 -54.96
C LEU B 110 -1.71 7.58 -55.08
N THR B 111 -1.72 8.57 -54.20
CA THR B 111 -2.77 9.55 -54.26
C THR B 111 -2.54 10.49 -55.44
N ASP B 112 -1.29 10.59 -55.89
CA ASP B 112 -0.94 11.42 -57.05
C ASP B 112 -1.38 10.66 -58.27
N SER B 113 -1.33 9.34 -58.17
CA SER B 113 -1.71 8.43 -59.24
C SER B 113 -3.22 8.44 -59.48
N GLU B 114 -4.01 8.46 -58.41
CA GLU B 114 -5.47 8.44 -58.57
C GLU B 114 -5.94 9.77 -59.15
N MET B 115 -5.18 10.84 -58.94
CA MET B 115 -5.55 12.15 -59.51
C MET B 115 -5.33 12.03 -61.02
N ASN B 116 -4.12 11.64 -61.38
CA ASN B 116 -3.75 11.48 -62.77
C ASN B 116 -4.54 10.45 -63.52
N LYS B 117 -5.28 9.61 -62.84
CA LYS B 117 -6.05 8.60 -63.53
C LYS B 117 -7.41 9.17 -63.79
N LEU B 118 -7.84 10.05 -62.90
CA LEU B 118 -9.13 10.68 -63.07
C LEU B 118 -9.00 11.52 -64.34
N PHE B 119 -7.86 12.21 -64.46
CA PHE B 119 -7.60 13.07 -65.60
C PHE B 119 -7.59 12.33 -66.94
N GLU B 120 -6.79 11.27 -67.06
CA GLU B 120 -6.73 10.53 -68.31
C GLU B 120 -8.05 9.94 -68.70
N LYS B 121 -8.80 9.48 -67.72
CA LYS B 121 -10.09 8.87 -68.02
C LYS B 121 -11.04 9.91 -68.57
N THR B 122 -11.14 11.03 -67.87
CA THR B 122 -11.99 12.13 -68.28
C THR B 122 -11.50 12.62 -69.64
N ARG B 123 -10.19 12.62 -69.84
CA ARG B 123 -9.58 13.04 -71.11
C ARG B 123 -10.00 12.11 -72.23
N ARG B 124 -10.04 10.82 -71.95
CA ARG B 124 -10.41 9.82 -72.95
C ARG B 124 -11.90 9.82 -73.30
N GLN B 125 -12.69 10.50 -72.49
CA GLN B 125 -14.13 10.57 -72.70
C GLN B 125 -14.44 11.67 -73.70
N LEU B 126 -13.80 12.80 -73.48
CA LEU B 126 -13.97 13.95 -74.32
C LEU B 126 -13.52 13.75 -75.77
N ARG B 127 -12.76 12.70 -76.06
CA ARG B 127 -12.31 12.45 -77.43
C ARG B 127 -11.76 13.70 -78.11
N GLU B 128 -12.27 14.04 -79.30
CA GLU B 128 -11.79 15.23 -80.03
C GLU B 128 -12.52 16.51 -79.71
N ASN B 129 -13.46 16.41 -78.79
CA ASN B 129 -14.28 17.54 -78.40
C ASN B 129 -13.67 18.46 -77.40
N ALA B 130 -12.41 18.28 -77.07
CA ALA B 130 -11.79 19.16 -76.06
C ALA B 130 -10.30 19.23 -76.19
N GLU B 131 -9.73 20.18 -75.48
CA GLU B 131 -8.31 20.33 -75.48
C GLU B 131 -7.92 20.55 -74.05
N GLU B 132 -6.70 20.20 -73.70
CA GLU B 132 -6.25 20.38 -72.35
C GLU B 132 -5.52 21.69 -72.21
N MET B 133 -5.97 22.49 -71.25
CA MET B 133 -5.37 23.76 -71.05
C MET B 133 -4.06 23.71 -70.32
N GLY B 134 -3.65 22.50 -69.93
CA GLY B 134 -2.37 22.29 -69.26
C GLY B 134 -2.34 22.53 -67.76
N ASN B 135 -3.51 22.77 -67.18
CA ASN B 135 -3.64 23.04 -65.76
C ASN B 135 -4.65 22.09 -65.11
N GLY B 136 -4.92 20.98 -65.78
CA GLY B 136 -5.89 20.05 -65.25
C GLY B 136 -7.28 20.37 -65.77
N CYS B 137 -7.44 21.46 -66.53
CA CYS B 137 -8.74 21.84 -67.12
C CYS B 137 -8.80 21.53 -68.60
N PHE B 138 -9.93 21.00 -69.05
CA PHE B 138 -10.16 20.71 -70.47
C PHE B 138 -11.04 21.81 -71.08
N LYS B 139 -10.63 22.38 -72.21
CA LYS B 139 -11.48 23.34 -72.87
C LYS B 139 -12.42 22.52 -73.78
N ILE B 140 -13.71 22.54 -73.47
CA ILE B 140 -14.71 21.79 -74.23
C ILE B 140 -15.18 22.72 -75.34
N TYR B 141 -14.92 22.33 -76.59
CA TYR B 141 -15.26 23.13 -77.76
C TYR B 141 -16.68 22.95 -78.30
N HIS B 142 -17.66 22.96 -77.41
CA HIS B 142 -19.03 22.82 -77.82
C HIS B 142 -19.93 23.29 -76.72
N LYS B 143 -21.17 23.57 -77.05
CA LYS B 143 -22.09 24.03 -76.02
C LYS B 143 -22.25 22.86 -75.06
N CYS B 144 -22.08 23.11 -73.77
CA CYS B 144 -22.21 22.04 -72.78
C CYS B 144 -22.92 22.61 -71.57
N ASP B 145 -24.21 22.36 -71.47
CA ASP B 145 -24.96 22.89 -70.33
C ASP B 145 -24.67 22.01 -69.14
N ASN B 146 -25.50 22.09 -68.12
CA ASN B 146 -25.28 21.28 -66.96
C ASN B 146 -25.50 19.80 -67.17
N ALA B 147 -26.54 19.41 -67.88
CA ALA B 147 -26.76 17.98 -68.10
C ALA B 147 -25.63 17.39 -68.95
N CYS B 148 -24.92 18.25 -69.69
CA CYS B 148 -23.81 17.78 -70.52
C CYS B 148 -22.64 17.50 -69.60
N ILE B 149 -22.35 18.42 -68.69
CA ILE B 149 -21.27 18.26 -67.71
C ILE B 149 -21.50 17.01 -66.86
N GLU B 150 -22.72 16.87 -66.37
CA GLU B 150 -23.12 15.74 -65.55
C GLU B 150 -22.81 14.44 -66.24
N SER B 151 -23.08 14.33 -67.52
CA SER B 151 -22.78 13.07 -68.24
C SER B 151 -21.28 12.75 -68.28
N ILE B 152 -20.43 13.79 -68.33
CA ILE B 152 -18.98 13.60 -68.33
C ILE B 152 -18.64 13.07 -66.95
N ARG B 153 -19.09 13.81 -65.93
CA ARG B 153 -18.89 13.44 -64.55
C ARG B 153 -19.40 12.04 -64.23
N ASN B 154 -20.54 11.64 -64.77
CA ASN B 154 -21.08 10.32 -64.48
C ASN B 154 -20.70 9.25 -65.50
N GLY B 155 -19.78 9.60 -66.41
CA GLY B 155 -19.29 8.69 -67.44
C GLY B 155 -20.16 8.27 -68.62
N THR B 156 -21.21 9.03 -68.91
CA THR B 156 -22.09 8.69 -70.02
C THR B 156 -22.04 9.61 -71.24
N TYR B 157 -21.16 10.60 -71.20
CA TYR B 157 -21.02 11.55 -72.29
C TYR B 157 -20.66 10.85 -73.60
N ASP B 158 -21.46 11.08 -74.65
CA ASP B 158 -21.21 10.50 -75.97
C ASP B 158 -20.57 11.61 -76.75
N HIS B 159 -19.38 11.34 -77.28
CA HIS B 159 -18.66 12.36 -78.01
C HIS B 159 -19.17 12.63 -79.43
N ASP B 160 -19.75 11.60 -80.08
CA ASP B 160 -20.25 11.76 -81.44
C ASP B 160 -21.35 12.82 -81.44
N VAL B 161 -22.19 12.76 -80.44
CA VAL B 161 -23.28 13.69 -80.30
C VAL B 161 -22.85 15.15 -80.37
N TYR B 162 -21.56 15.45 -80.28
CA TYR B 162 -21.13 16.87 -80.32
C TYR B 162 -19.89 17.00 -81.16
N ARG B 163 -19.44 15.91 -81.77
CA ARG B 163 -18.19 15.94 -82.53
C ARG B 163 -18.01 17.02 -83.56
N ASP B 164 -18.91 17.05 -84.52
CA ASP B 164 -18.82 18.03 -85.59
C ASP B 164 -18.87 19.45 -85.04
N GLU B 165 -19.72 19.68 -84.04
CA GLU B 165 -19.81 21.01 -83.44
C GLU B 165 -18.45 21.32 -82.85
N ALA B 166 -17.92 20.33 -82.15
CA ALA B 166 -16.64 20.45 -81.48
C ALA B 166 -15.55 20.75 -82.51
N LEU B 167 -15.37 19.80 -83.43
CA LEU B 167 -14.39 19.89 -84.50
C LEU B 167 -14.41 21.24 -85.20
N ASN B 168 -15.61 21.73 -85.50
CA ASN B 168 -15.75 23.01 -86.16
C ASN B 168 -15.11 24.12 -85.34
N ASN B 169 -15.60 24.35 -84.13
CA ASN B 169 -15.03 25.40 -83.28
C ASN B 169 -13.53 25.21 -83.07
N ARG B 170 -13.10 23.96 -82.93
CA ARG B 170 -11.69 23.68 -82.68
C ARG B 170 -10.80 24.11 -83.79
N PHE B 171 -11.10 23.59 -84.98
CA PHE B 171 -10.31 23.84 -86.16
C PHE B 171 -10.67 25.06 -87.03
N GLN B 172 -10.24 26.21 -86.51
CA GLN B 172 -10.40 27.52 -87.11
C GLN B 172 -11.85 28.02 -87.27
N ILE B 173 -12.72 27.55 -86.38
CA ILE B 173 -14.14 27.92 -86.32
C ILE B 173 -14.98 27.46 -87.54
N LYS B 174 -16.14 27.92 -87.69
N ASP C 1 -25.83 5.44 6.11
CA ASP C 1 -24.60 4.86 6.70
C ASP C 1 -24.98 3.52 7.29
N VAL C 2 -24.03 2.59 7.35
CA VAL C 2 -24.27 1.26 7.90
C VAL C 2 -23.88 1.32 9.36
N VAL C 3 -24.63 0.64 10.20
CA VAL C 3 -24.34 0.64 11.63
C VAL C 3 -23.78 -0.67 12.11
N MET C 4 -22.58 -0.62 12.67
CA MET C 4 -21.95 -1.81 13.20
C MET C 4 -22.36 -1.93 14.66
N THR C 5 -23.12 -2.98 14.95
CA THR C 5 -23.62 -3.24 16.27
C THR C 5 -22.94 -4.45 16.95
N GLN C 6 -22.06 -4.13 17.90
CA GLN C 6 -21.33 -5.15 18.64
C GLN C 6 -21.98 -5.48 19.97
N THR C 7 -21.77 -6.72 20.40
CA THR C 7 -22.29 -7.24 21.65
C THR C 7 -21.47 -8.48 21.95
N PRO C 8 -20.97 -8.64 23.18
CA PRO C 8 -21.04 -7.81 24.40
C PRO C 8 -20.43 -6.43 24.30
N LEU C 9 -20.43 -5.73 25.43
CA LEU C 9 -19.86 -4.39 25.54
C LEU C 9 -18.56 -4.54 26.33
N SER C 10 -18.62 -5.44 27.31
CA SER C 10 -17.50 -5.80 28.20
C SER C 10 -17.56 -7.31 28.22
N LEU C 11 -16.42 -7.96 28.22
CA LEU C 11 -16.43 -9.39 28.19
C LEU C 11 -15.39 -9.89 29.16
N PRO C 12 -15.82 -10.39 30.31
CA PRO C 12 -14.90 -10.91 31.33
C PRO C 12 -14.65 -12.38 31.02
N VAL C 13 -13.43 -12.73 30.67
CA VAL C 13 -13.10 -14.11 30.37
C VAL C 13 -11.99 -14.43 31.31
N SER C 14 -11.66 -15.70 31.47
CA SER C 14 -10.58 -16.12 32.35
C SER C 14 -9.49 -16.75 31.52
N LEU C 15 -8.24 -16.57 31.91
CA LEU C 15 -7.14 -17.15 31.13
C LEU C 15 -7.44 -18.60 30.82
N GLY C 16 -7.33 -18.94 29.53
CA GLY C 16 -7.61 -20.30 29.08
C GLY C 16 -8.97 -20.40 28.40
N ASP C 17 -9.93 -19.61 28.88
CA ASP C 17 -11.29 -19.58 28.33
C ASP C 17 -11.42 -19.15 26.88
N GLN C 18 -12.66 -19.14 26.40
CA GLN C 18 -12.97 -18.78 25.04
C GLN C 18 -13.86 -17.55 24.90
N ALA C 19 -13.28 -16.41 24.53
CA ALA C 19 -14.06 -15.19 24.35
C ALA C 19 -14.81 -15.28 23.02
N SER C 20 -15.83 -14.44 22.85
CA SER C 20 -16.62 -14.48 21.62
C SER C 20 -17.38 -13.17 21.46
N ILE C 21 -16.87 -12.30 20.59
CA ILE C 21 -17.48 -11.00 20.34
C ILE C 21 -18.33 -11.12 19.07
N SER C 22 -19.48 -10.44 19.04
CA SER C 22 -20.38 -10.47 17.88
C SER C 22 -20.61 -9.09 17.24
N CYS C 23 -20.72 -9.08 15.93
CA CYS C 23 -20.91 -7.84 15.17
C CYS C 23 -22.12 -8.00 14.26
N ARG C 24 -22.89 -6.93 14.10
CA ARG C 24 -24.06 -6.97 13.24
C ARG C 24 -24.19 -5.68 12.44
N SER C 25 -24.33 -5.80 11.12
CA SER C 25 -24.45 -4.63 10.25
C SER C 25 -25.88 -4.39 9.78
N SER C 26 -26.26 -3.11 9.66
CA SER C 26 -27.61 -2.74 9.21
C SER C 26 -27.99 -3.20 7.79
N GLN C 27 -27.01 -3.68 7.03
CA GLN C 27 -27.26 -4.18 5.68
C GLN C 27 -26.04 -4.98 5.24
N THR C 28 -26.26 -6.00 4.43
CA THR C 28 -25.19 -6.87 3.93
C THR C 28 -23.91 -6.14 3.59
N LEU C 29 -22.80 -6.79 3.90
CA LEU C 29 -21.50 -6.24 3.64
C LEU C 29 -20.89 -6.98 2.48
N VAL C 30 -21.72 -7.64 1.69
CA VAL C 30 -21.24 -8.35 0.51
C VAL C 30 -21.05 -7.30 -0.57
N HIS C 31 -19.89 -7.31 -1.21
CA HIS C 31 -19.59 -6.34 -2.25
C HIS C 31 -20.14 -6.85 -3.59
N SER C 32 -20.26 -5.93 -4.55
CA SER C 32 -20.75 -6.26 -5.89
C SER C 32 -19.83 -7.34 -6.48
N ASN C 33 -18.62 -7.43 -5.96
CA ASN C 33 -17.66 -8.43 -6.42
C ASN C 33 -17.76 -9.70 -5.58
N GLY C 34 -18.76 -9.71 -4.71
CA GLY C 34 -19.00 -10.86 -3.84
C GLY C 34 -18.08 -10.95 -2.64
N ASN C 35 -17.23 -9.95 -2.44
CA ASN C 35 -16.32 -9.98 -1.31
C ASN C 35 -16.91 -9.26 -0.11
N THR C 36 -16.85 -9.90 1.05
CA THR C 36 -17.36 -9.28 2.27
C THR C 36 -16.19 -8.59 2.98
N TYR C 37 -16.18 -7.27 2.89
CA TYR C 37 -15.14 -6.44 3.48
C TYR C 37 -15.40 -6.06 4.93
N LEU C 38 -15.46 -7.09 5.78
CA LEU C 38 -15.69 -6.89 7.22
C LEU C 38 -14.35 -7.16 7.87
N HIS C 39 -13.95 -6.30 8.80
CA HIS C 39 -12.66 -6.48 9.46
C HIS C 39 -12.76 -6.38 10.99
N TRP C 40 -11.77 -6.95 11.68
CA TRP C 40 -11.70 -6.91 13.13
C TRP C 40 -10.37 -6.25 13.54
N TYR C 41 -10.46 -5.19 14.32
CA TYR C 41 -9.27 -4.47 14.81
C TYR C 41 -9.19 -4.63 16.33
N LEU C 42 -7.96 -4.60 16.85
CA LEU C 42 -7.74 -4.71 18.30
C LEU C 42 -6.97 -3.48 18.79
N GLN C 43 -7.57 -2.69 19.65
CA GLN C 43 -6.88 -1.54 20.17
C GLN C 43 -6.51 -1.78 21.61
N LYS C 44 -5.22 -1.92 21.87
CA LYS C 44 -4.76 -2.10 23.23
C LYS C 44 -4.80 -0.69 23.80
N PRO C 45 -5.18 -0.54 25.07
CA PRO C 45 -5.20 0.81 25.61
C PRO C 45 -3.86 1.52 25.42
N GLY C 46 -3.93 2.80 25.11
CA GLY C 46 -2.73 3.59 24.91
C GLY C 46 -1.92 3.21 23.69
N GLN C 47 -2.60 2.66 22.68
CA GLN C 47 -1.98 2.26 21.42
C GLN C 47 -2.93 2.59 20.27
N SER C 48 -2.52 2.28 19.04
CA SER C 48 -3.31 2.51 17.83
C SER C 48 -3.86 1.16 17.45
N PRO C 49 -4.98 1.10 16.72
CA PRO C 49 -5.53 -0.20 16.33
C PRO C 49 -4.55 -1.08 15.55
N LYS C 50 -4.84 -2.38 15.52
CA LYS C 50 -4.00 -3.31 14.81
C LYS C 50 -4.93 -4.26 14.10
N LEU C 51 -4.68 -4.49 12.81
CA LEU C 51 -5.53 -5.38 12.03
C LEU C 51 -5.35 -6.74 12.65
N LEU C 52 -6.44 -7.46 12.81
CA LEU C 52 -6.40 -8.77 13.41
C LEU C 52 -6.93 -9.81 12.44
N ILE C 53 -8.07 -9.51 11.84
CA ILE C 53 -8.73 -10.42 10.89
C ILE C 53 -9.33 -9.55 9.81
N TYR C 54 -8.98 -9.83 8.55
CA TYR C 54 -9.51 -9.08 7.42
C TYR C 54 -10.40 -9.96 6.57
N LYS C 55 -11.29 -9.33 5.81
CA LYS C 55 -12.23 -10.05 4.97
C LYS C 55 -12.83 -11.21 5.76
N VAL C 56 -13.56 -10.87 6.82
CA VAL C 56 -14.27 -11.83 7.67
C VAL C 56 -13.49 -12.91 8.42
N SER C 57 -12.74 -13.72 7.70
CA SER C 57 -12.06 -14.81 8.35
C SER C 57 -10.58 -15.03 8.02
N ASN C 58 -9.88 -13.98 7.63
CA ASN C 58 -8.47 -14.17 7.32
C ASN C 58 -7.63 -13.50 8.38
N ARG C 59 -6.65 -14.24 8.88
CA ARG C 59 -5.76 -13.70 9.89
C ARG C 59 -4.72 -12.78 9.27
N PHE C 60 -4.66 -11.54 9.73
CA PHE C 60 -3.68 -10.62 9.21
C PHE C 60 -2.32 -11.10 9.65
N SER C 61 -1.27 -10.54 9.10
CA SER C 61 0.06 -11.00 9.47
C SER C 61 0.33 -10.91 10.96
N GLY C 62 0.87 -12.00 11.49
CA GLY C 62 1.21 -12.05 12.89
C GLY C 62 0.18 -12.73 13.78
N VAL C 63 -1.09 -12.36 13.66
CA VAL C 63 -2.08 -12.95 14.56
C VAL C 63 -2.13 -14.47 14.54
N PRO C 64 -2.11 -15.06 15.75
CA PRO C 64 -2.14 -16.50 16.00
C PRO C 64 -3.45 -17.20 15.73
N ASP C 65 -3.30 -18.47 15.39
CA ASP C 65 -4.39 -19.36 15.08
C ASP C 65 -5.49 -19.48 16.12
N ARG C 66 -5.29 -18.89 17.30
CA ARG C 66 -6.34 -18.95 18.31
C ARG C 66 -7.43 -17.89 18.10
N PHE C 67 -7.25 -17.04 17.08
CA PHE C 67 -8.27 -16.04 16.76
C PHE C 67 -8.99 -16.54 15.53
N SER C 68 -10.31 -16.51 15.54
CA SER C 68 -11.10 -16.96 14.39
C SER C 68 -12.32 -16.08 14.16
N GLY C 69 -12.62 -15.82 12.90
CA GLY C 69 -13.78 -15.00 12.57
C GLY C 69 -14.70 -15.77 11.65
N SER C 70 -15.90 -15.27 11.45
CA SER C 70 -16.86 -15.91 10.57
C SER C 70 -18.14 -15.10 10.51
N GLY C 71 -19.03 -15.48 9.60
CA GLY C 71 -20.28 -14.78 9.44
C GLY C 71 -20.65 -14.64 7.97
N SER C 72 -21.83 -14.11 7.74
CA SER C 72 -22.34 -13.96 6.38
C SER C 72 -23.27 -12.75 6.30
N GLY C 73 -23.00 -11.89 5.34
CA GLY C 73 -23.84 -10.74 5.11
C GLY C 73 -24.00 -9.69 6.19
N THR C 74 -24.60 -10.04 7.33
CA THR C 74 -24.81 -9.05 8.37
C THR C 74 -24.28 -9.39 9.75
N ASP C 75 -24.33 -10.67 10.09
CA ASP C 75 -23.88 -11.09 11.40
C ASP C 75 -22.57 -11.84 11.36
N PHE C 76 -21.52 -11.24 11.94
CA PHE C 76 -20.18 -11.84 11.97
C PHE C 76 -19.67 -11.93 13.41
N THR C 77 -18.78 -12.89 13.68
CA THR C 77 -18.27 -13.05 15.03
C THR C 77 -16.78 -13.38 15.11
N LEU C 78 -16.12 -12.87 16.16
CA LEU C 78 -14.71 -13.14 16.40
C LEU C 78 -14.69 -14.14 17.55
N LYS C 79 -13.77 -15.08 17.52
CA LYS C 79 -13.68 -16.08 18.58
C LYS C 79 -12.25 -16.38 18.98
N ILE C 80 -11.94 -16.15 20.24
CA ILE C 80 -10.62 -16.44 20.77
C ILE C 80 -10.85 -17.73 21.52
N SER C 81 -10.33 -18.85 21.01
CA SER C 81 -10.56 -20.13 21.66
C SER C 81 -9.90 -20.23 23.04
N ARG C 82 -8.68 -19.75 23.14
CA ARG C 82 -7.95 -19.79 24.40
C ARG C 82 -7.45 -18.37 24.60
N VAL C 83 -7.97 -17.72 25.63
CA VAL C 83 -7.60 -16.35 25.93
C VAL C 83 -6.32 -16.28 26.73
N GLU C 84 -5.38 -15.45 26.29
CA GLU C 84 -4.10 -15.27 26.98
C GLU C 84 -4.15 -13.98 27.76
N ALA C 85 -3.05 -13.63 28.42
CA ALA C 85 -3.01 -12.39 29.18
C ALA C 85 -2.91 -11.17 28.25
N GLU C 86 -2.07 -11.29 27.24
CA GLU C 86 -1.86 -10.21 26.28
C GLU C 86 -3.12 -9.85 25.49
N ASP C 87 -4.02 -10.82 25.35
CA ASP C 87 -5.26 -10.60 24.61
C ASP C 87 -6.09 -9.46 25.19
N LEU C 88 -5.65 -8.96 26.34
CA LEU C 88 -6.35 -7.87 27.01
C LEU C 88 -6.41 -6.64 26.09
N GLY C 89 -7.63 -6.17 25.84
CA GLY C 89 -7.82 -5.00 24.99
C GLY C 89 -9.25 -4.70 24.58
N VAL C 90 -9.41 -3.85 23.56
CA VAL C 90 -10.72 -3.47 23.00
C VAL C 90 -10.80 -3.93 21.53
N TYR C 91 -11.92 -4.55 21.18
CA TYR C 91 -12.13 -5.09 19.84
C TYR C 91 -13.27 -4.40 19.06
N PHE C 92 -12.93 -3.91 17.87
CA PHE C 92 -13.87 -3.24 16.99
C PHE C 92 -14.04 -4.06 15.74
N CYS C 93 -15.18 -3.91 15.09
CA CYS C 93 -15.46 -4.57 13.83
C CYS C 93 -15.83 -3.37 12.97
N SER C 94 -15.29 -3.33 11.76
CA SER C 94 -15.59 -2.21 10.87
C SER C 94 -15.88 -2.74 9.48
N GLN C 95 -16.44 -1.91 8.63
CA GLN C 95 -16.74 -2.32 7.28
C GLN C 95 -16.23 -1.31 6.27
N ASN C 96 -15.72 -1.84 5.17
CA ASN C 96 -15.21 -1.04 4.06
C ASN C 96 -16.31 -0.95 3.03
N THR C 97 -16.89 -2.11 2.72
CA THR C 97 -17.94 -2.26 1.72
C THR C 97 -18.70 -1.02 1.30
N HIS C 98 -19.26 -0.31 2.25
CA HIS C 98 -20.04 0.86 1.91
C HIS C 98 -19.40 2.13 2.43
N VAL C 99 -19.46 3.19 1.63
CA VAL C 99 -18.94 4.51 2.01
C VAL C 99 -20.13 5.24 2.60
N PRO C 100 -20.01 5.85 3.81
CA PRO C 100 -18.87 5.95 4.74
C PRO C 100 -18.52 4.65 5.41
N TYR C 101 -17.21 4.45 5.59
CA TYR C 101 -16.72 3.24 6.24
C TYR C 101 -17.14 3.41 7.69
N THR C 102 -17.65 2.34 8.29
CA THR C 102 -18.10 2.40 9.66
C THR C 102 -17.46 1.37 10.62
N PHE C 103 -17.40 1.74 11.90
CA PHE C 103 -16.81 0.91 12.92
C PHE C 103 -17.84 0.50 13.93
N GLY C 104 -17.53 -0.53 14.72
CA GLY C 104 -18.42 -0.94 15.78
C GLY C 104 -18.05 -0.06 16.97
N GLY C 105 -18.84 -0.10 18.02
CA GLY C 105 -18.52 0.71 19.20
C GLY C 105 -17.47 0.11 20.09
N GLY C 106 -16.94 -1.06 19.75
CA GLY C 106 -15.93 -1.71 20.57
C GLY C 106 -16.52 -2.64 21.61
N THR C 107 -15.74 -3.65 21.98
CA THR C 107 -16.12 -4.65 22.98
C THR C 107 -14.90 -4.79 23.87
N LYS C 108 -14.95 -4.18 25.05
CA LYS C 108 -13.83 -4.24 25.96
C LYS C 108 -13.67 -5.61 26.60
N LEU C 109 -12.61 -6.33 26.23
CA LEU C 109 -12.38 -7.64 26.82
C LEU C 109 -11.74 -7.32 28.15
N GLU C 110 -11.98 -8.18 29.14
CA GLU C 110 -11.40 -8.08 30.46
C GLU C 110 -11.10 -9.45 31.02
N ILE C 111 -9.88 -9.61 31.48
CA ILE C 111 -9.42 -10.86 32.03
C ILE C 111 -9.87 -11.04 33.49
N LYS C 112 -10.19 -12.29 33.85
CA LYS C 112 -10.59 -12.68 35.21
C LYS C 112 -9.35 -13.27 35.83
N ARG C 113 -9.02 -12.74 36.99
CA ARG C 113 -7.84 -13.14 37.72
C ARG C 113 -8.25 -13.53 39.15
N ALA C 114 -7.35 -14.19 39.85
CA ALA C 114 -7.63 -14.58 41.21
C ALA C 114 -7.87 -13.30 42.01
N ASP C 115 -8.97 -13.27 42.76
CA ASP C 115 -9.30 -12.11 43.58
C ASP C 115 -8.05 -11.63 44.29
N ALA C 116 -7.97 -10.32 44.49
CA ALA C 116 -6.82 -9.74 45.17
C ALA C 116 -7.24 -8.50 45.92
N ALA C 117 -6.51 -8.20 46.99
CA ALA C 117 -6.79 -7.04 47.82
C ALA C 117 -5.72 -6.00 47.54
N PRO C 118 -6.09 -4.72 47.63
CA PRO C 118 -5.12 -3.65 47.37
C PRO C 118 -4.00 -3.66 48.38
N THR C 119 -2.99 -2.84 48.14
CA THR C 119 -1.86 -2.73 49.05
C THR C 119 -1.88 -1.25 49.43
N VAL C 120 -2.91 -0.84 50.18
CA VAL C 120 -3.06 0.57 50.54
C VAL C 120 -1.81 1.21 51.11
N SER C 121 -1.58 2.46 50.71
CA SER C 121 -0.43 3.24 51.17
C SER C 121 -0.84 4.70 51.20
N ILE C 122 -0.43 5.40 52.25
CA ILE C 122 -0.77 6.81 52.33
C ILE C 122 0.46 7.62 52.60
N PHE C 123 0.46 8.82 52.01
CA PHE C 123 1.56 9.74 52.12
C PHE C 123 0.98 11.09 52.52
N PRO C 124 1.63 11.75 53.48
CA PRO C 124 1.24 13.08 54.00
C PRO C 124 1.88 14.15 53.14
N PRO C 125 1.23 15.32 53.04
CA PRO C 125 1.66 16.48 52.27
C PRO C 125 3.14 16.66 52.43
N SER C 126 3.81 17.11 51.37
CA SER C 126 5.25 17.35 51.43
C SER C 126 5.44 18.77 52.00
N LYS C 127 6.54 19.01 52.70
CA LYS C 127 6.77 20.34 53.25
C LYS C 127 6.76 21.27 52.05
N ILE C 128 7.31 20.78 50.95
CA ILE C 128 7.40 21.49 49.67
C ILE C 128 6.03 22.03 49.27
N GLN C 129 5.04 21.14 49.27
CA GLN C 129 3.69 21.52 48.89
C GLN C 129 2.98 22.46 49.85
N LEU C 130 3.01 22.14 51.14
CA LEU C 130 2.34 22.98 52.12
C LEU C 130 2.95 24.36 52.28
N THR C 131 4.16 24.55 51.78
CA THR C 131 4.82 25.86 51.80
C THR C 131 4.05 26.73 50.82
N SER C 132 3.62 26.11 49.74
CA SER C 132 2.82 26.78 48.71
C SER C 132 1.43 27.04 49.30
N GLY C 133 1.16 26.45 50.46
CA GLY C 133 -0.13 26.63 51.09
C GLY C 133 -1.16 25.58 50.73
N GLY C 134 -0.70 24.33 50.56
CA GLY C 134 -1.63 23.26 50.21
C GLY C 134 -1.19 21.89 50.71
N ALA C 135 -2.15 21.01 50.97
CA ALA C 135 -1.86 19.68 51.47
C ALA C 135 -2.38 18.52 50.61
N SER C 136 -1.51 17.53 50.40
CA SER C 136 -1.82 16.34 49.61
C SER C 136 -2.00 15.11 50.49
N VAL C 137 -3.23 14.62 50.55
CA VAL C 137 -3.49 13.43 51.31
C VAL C 137 -3.61 12.42 50.19
N VAL C 138 -2.49 11.76 49.88
CA VAL C 138 -2.40 10.79 48.79
C VAL C 138 -2.34 9.33 49.23
N CYS C 139 -3.32 8.56 48.77
CA CYS C 139 -3.38 7.14 49.09
C CYS C 139 -3.45 6.28 47.82
N PHE C 140 -2.50 5.36 47.70
CA PHE C 140 -2.42 4.47 46.57
C PHE C 140 -2.90 3.08 46.93
N LEU C 141 -4.19 2.83 46.77
CA LEU C 141 -4.73 1.51 47.04
C LEU C 141 -4.53 0.73 45.74
N ASN C 142 -3.33 0.24 45.48
CA ASN C 142 -3.13 -0.44 44.21
C ASN C 142 -3.03 -1.96 44.23
N ASN C 143 -2.79 -2.53 43.05
CA ASN C 143 -2.66 -3.98 42.78
C ASN C 143 -3.76 -4.96 43.15
N PHE C 144 -4.98 -4.46 43.32
CA PHE C 144 -6.10 -5.32 43.65
C PHE C 144 -6.68 -5.99 42.42
N TYR C 145 -7.67 -6.86 42.60
CA TYR C 145 -8.25 -7.46 41.42
C TYR C 145 -9.66 -7.08 41.06
N PRO C 146 -10.69 -7.57 41.79
CA PRO C 146 -12.00 -7.09 41.29
C PRO C 146 -12.00 -5.56 41.25
N LYS C 147 -11.97 -5.00 40.05
CA LYS C 147 -11.95 -3.56 39.84
C LYS C 147 -12.78 -2.85 40.89
N ASP C 148 -13.85 -3.53 41.32
CA ASP C 148 -14.78 -3.05 42.33
C ASP C 148 -14.11 -2.95 43.72
N ILE C 149 -13.93 -1.71 44.20
CA ILE C 149 -13.32 -1.42 45.50
C ILE C 149 -13.87 -0.09 45.99
N ASN C 150 -14.12 0.05 47.29
CA ASN C 150 -14.65 1.30 47.83
C ASN C 150 -13.80 2.02 48.88
N VAL C 151 -13.18 3.11 48.49
CA VAL C 151 -12.34 3.90 49.37
C VAL C 151 -13.08 5.06 50.02
N LYS C 152 -12.59 5.48 51.18
CA LYS C 152 -13.17 6.58 51.93
C LYS C 152 -12.15 7.29 52.84
N TRP C 153 -12.16 8.62 52.81
CA TRP C 153 -11.26 9.43 53.64
C TRP C 153 -12.00 9.77 54.91
N LYS C 154 -11.33 9.68 56.06
CA LYS C 154 -12.08 9.97 57.25
C LYS C 154 -11.91 11.27 58.01
N ILE C 155 -10.67 11.69 58.24
CA ILE C 155 -10.36 12.93 58.99
C ILE C 155 -11.12 13.04 60.32
N ASP C 156 -10.45 12.65 61.41
CA ASP C 156 -10.97 12.65 62.78
C ASP C 156 -12.10 11.61 62.88
N GLY C 157 -12.19 10.79 61.83
CA GLY C 157 -13.20 9.76 61.73
C GLY C 157 -14.55 10.28 61.27
N SER C 158 -14.61 11.11 60.25
CA SER C 158 -15.92 11.60 59.86
C SER C 158 -16.33 12.05 58.44
N GLU C 159 -15.43 12.17 57.47
CA GLU C 159 -15.87 12.69 56.16
C GLU C 159 -14.95 12.47 54.96
N ARG C 160 -15.56 12.41 53.78
CA ARG C 160 -14.87 12.18 52.51
C ARG C 160 -15.46 12.93 51.30
N GLN C 161 -16.69 13.41 51.41
CA GLN C 161 -17.33 14.10 50.30
C GLN C 161 -16.70 15.36 49.70
N ASN C 162 -15.53 15.76 50.17
CA ASN C 162 -14.92 16.99 49.64
C ASN C 162 -13.49 16.82 49.09
N GLY C 163 -13.29 17.24 47.84
CA GLY C 163 -11.97 17.19 47.22
C GLY C 163 -11.21 15.88 47.15
N VAL C 164 -11.79 14.88 46.48
CA VAL C 164 -11.14 13.58 46.33
C VAL C 164 -10.91 13.27 44.84
N LEU C 165 -9.64 13.26 44.43
CA LEU C 165 -9.26 12.95 43.05
C LEU C 165 -9.15 11.44 42.95
N ASN C 166 -9.86 10.85 42.00
CA ASN C 166 -9.81 9.40 41.85
C ASN C 166 -9.50 8.88 40.46
N SER C 167 -8.41 8.12 40.35
CA SER C 167 -7.99 7.55 39.08
C SER C 167 -7.59 6.07 39.13
N TRP C 168 -8.35 5.28 38.40
CA TRP C 168 -8.11 3.86 38.30
C TRP C 168 -7.39 3.64 36.97
N THR C 169 -6.35 2.82 36.98
CA THR C 169 -5.61 2.52 35.77
C THR C 169 -6.29 1.37 35.02
N ASP C 170 -5.75 1.04 33.85
CA ASP C 170 -6.27 -0.05 33.01
C ASP C 170 -5.80 -1.37 33.62
N GLN C 171 -6.47 -2.47 33.31
CA GLN C 171 -6.05 -3.75 33.84
C GLN C 171 -4.62 -4.05 33.33
N ASP C 172 -3.72 -4.47 34.21
CA ASP C 172 -2.35 -4.76 33.79
C ASP C 172 -2.30 -5.89 32.76
N SER C 173 -1.19 -5.94 32.05
CA SER C 173 -0.95 -6.90 30.99
C SER C 173 -0.16 -8.11 31.46
N LYS C 174 -0.24 -8.40 32.76
CA LYS C 174 0.48 -9.54 33.33
C LYS C 174 -0.32 -9.87 34.59
N ASP C 175 -0.16 -9.02 35.61
CA ASP C 175 -0.84 -9.18 36.89
C ASP C 175 -2.36 -9.22 36.70
N SER C 176 -2.83 -8.67 35.59
CA SER C 176 -4.26 -8.66 35.31
C SER C 176 -5.00 -7.98 36.44
N THR C 177 -4.27 -7.17 37.18
CA THR C 177 -4.82 -6.46 38.32
C THR C 177 -5.44 -5.10 38.02
N TYR C 178 -5.34 -4.19 38.97
CA TYR C 178 -5.83 -2.84 38.84
C TYR C 178 -5.08 -2.03 39.88
N SER C 179 -5.15 -0.73 39.77
CA SER C 179 -4.49 0.13 40.73
C SER C 179 -5.32 1.38 40.75
N MET C 180 -5.25 2.08 41.86
CA MET C 180 -6.01 3.29 42.03
C MET C 180 -5.17 4.22 42.87
N SER C 181 -5.60 5.46 42.96
CA SER C 181 -4.94 6.47 43.74
C SER C 181 -6.05 7.42 44.13
N SER C 182 -6.13 7.74 45.42
CA SER C 182 -7.14 8.67 45.87
C SER C 182 -6.37 9.83 46.47
N THR C 183 -6.81 11.03 46.12
CA THR C 183 -6.19 12.27 46.56
C THR C 183 -7.16 13.23 47.23
N LEU C 184 -6.94 13.47 48.52
CA LEU C 184 -7.73 14.40 49.30
C LEU C 184 -6.81 15.61 49.33
N THR C 185 -7.31 16.75 48.89
CA THR C 185 -6.45 17.91 48.88
C THR C 185 -7.14 19.08 49.59
N LEU C 186 -6.55 19.46 50.71
CA LEU C 186 -7.10 20.56 51.49
C LEU C 186 -6.03 21.61 51.66
N THR C 187 -6.45 22.77 52.14
CA THR C 187 -5.58 23.91 52.39
C THR C 187 -4.58 23.59 53.48
N LYS C 188 -3.53 24.38 53.61
CA LYS C 188 -2.52 24.15 54.65
C LYS C 188 -3.17 24.43 56.00
N ASP C 189 -3.95 25.50 56.01
CA ASP C 189 -4.69 25.94 57.19
C ASP C 189 -5.57 24.80 57.74
N GLU C 190 -6.50 24.32 56.91
CA GLU C 190 -7.40 23.23 57.26
C GLU C 190 -6.67 21.97 57.72
N TYR C 191 -5.64 21.60 56.99
CA TYR C 191 -4.85 20.41 57.29
C TYR C 191 -4.20 20.41 58.65
N GLU C 192 -3.50 21.49 58.99
CA GLU C 192 -2.82 21.60 60.30
C GLU C 192 -3.85 21.52 61.45
N ARG C 193 -5.10 21.85 61.12
CA ARG C 193 -6.23 21.85 62.04
C ARG C 193 -6.91 20.47 62.27
N HIS C 194 -6.18 19.38 62.09
CA HIS C 194 -6.71 18.03 62.30
C HIS C 194 -5.52 17.12 62.29
N ASN C 195 -5.69 15.94 62.88
CA ASN C 195 -4.66 14.91 62.85
C ASN C 195 -5.58 13.72 62.75
N SER C 196 -5.36 12.92 61.71
CA SER C 196 -6.13 11.71 61.38
C SER C 196 -6.77 11.94 60.02
N TYR C 197 -6.32 11.14 59.06
CA TYR C 197 -6.83 11.27 57.73
C TYR C 197 -7.58 10.02 57.29
N THR C 198 -6.99 8.86 57.52
CA THR C 198 -7.65 7.60 57.19
C THR C 198 -8.13 7.39 55.75
N CYS C 199 -7.42 6.50 55.05
CA CYS C 199 -7.74 6.09 53.70
C CYS C 199 -8.36 4.73 54.00
N GLU C 200 -9.68 4.64 53.85
CA GLU C 200 -10.39 3.41 54.18
C GLU C 200 -10.95 2.67 52.96
N ALA C 201 -10.38 1.50 52.68
CA ALA C 201 -10.79 0.67 51.55
C ALA C 201 -11.69 -0.55 51.89
N THR C 202 -12.89 -0.53 51.31
CA THR C 202 -13.91 -1.56 51.46
C THR C 202 -13.90 -2.45 50.20
N HIS C 203 -12.88 -3.28 50.08
CA HIS C 203 -12.77 -4.16 48.92
C HIS C 203 -13.19 -5.58 49.26
N LYS C 204 -14.30 -6.01 48.68
CA LYS C 204 -14.87 -7.34 48.90
C LYS C 204 -13.87 -8.45 48.60
N THR C 205 -13.03 -8.76 49.58
CA THR C 205 -12.00 -9.80 49.47
C THR C 205 -11.48 -10.10 50.86
N SER C 206 -11.31 -9.06 51.68
CA SER C 206 -10.84 -9.20 53.04
C SER C 206 -12.00 -8.90 53.96
N THR C 207 -12.02 -9.59 55.10
CA THR C 207 -13.08 -9.46 56.11
C THR C 207 -12.89 -8.27 57.04
N SER C 208 -11.87 -7.47 56.79
CA SER C 208 -11.56 -6.32 57.62
C SER C 208 -11.15 -5.11 56.78
N PRO C 209 -12.05 -4.10 56.65
CA PRO C 209 -11.76 -2.90 55.85
C PRO C 209 -10.32 -2.44 56.04
N ILE C 210 -9.57 -2.47 54.96
CA ILE C 210 -8.18 -2.07 54.99
C ILE C 210 -8.10 -0.56 55.14
N VAL C 211 -7.64 -0.13 56.31
CA VAL C 211 -7.54 1.27 56.66
C VAL C 211 -6.10 1.70 56.95
N LYS C 212 -5.76 2.90 56.49
CA LYS C 212 -4.43 3.50 56.72
C LYS C 212 -4.52 4.98 57.16
N SER C 213 -3.71 5.33 58.16
CA SER C 213 -3.67 6.68 58.73
C SER C 213 -2.24 7.07 59.11
N PHE C 214 -2.07 8.33 59.50
CA PHE C 214 -0.78 8.87 59.93
C PHE C 214 -1.13 10.03 60.86
N ASN C 215 -0.14 10.56 61.54
CA ASN C 215 -0.40 11.65 62.46
C ASN C 215 0.22 12.95 62.02
N ARG C 216 -0.47 14.04 62.32
CA ARG C 216 0.01 15.38 62.01
C ARG C 216 1.22 15.69 62.87
N ASN C 217 1.40 14.84 63.89
CA ASN C 217 2.51 14.95 64.84
C ASN C 217 2.89 13.51 65.18
N GLN D 1 8.84 -2.35 9.41
CA GLN D 1 9.56 -1.34 8.58
C GLN D 1 8.71 -0.24 7.98
N VAL D 2 7.37 -0.36 8.07
CA VAL D 2 6.46 0.65 7.55
C VAL D 2 5.97 1.46 8.73
N GLN D 3 6.19 2.76 8.66
CA GLN D 3 5.79 3.68 9.71
C GLN D 3 4.95 4.85 9.21
N LEU D 4 4.05 5.31 10.07
CA LEU D 4 3.17 6.43 9.81
C LEU D 4 3.33 7.35 11.03
N GLN D 5 4.25 8.31 10.95
CA GLN D 5 4.52 9.23 12.06
C GLN D 5 3.66 10.45 12.25
N GLN D 6 2.94 10.48 13.37
CA GLN D 6 2.08 11.61 13.71
C GLN D 6 2.63 12.23 15.00
N PRO D 7 2.54 13.56 15.13
CA PRO D 7 3.02 14.32 16.29
C PRO D 7 2.50 14.15 17.73
N GLY D 8 1.77 13.10 18.03
CA GLY D 8 1.36 12.92 19.42
C GLY D 8 0.40 13.88 20.09
N ALA D 9 0.71 15.16 20.18
CA ALA D 9 -0.21 16.08 20.83
C ALA D 9 -0.19 17.54 20.34
N GLU D 10 -1.37 18.13 20.24
CA GLU D 10 -1.49 19.52 19.79
C GLU D 10 -2.53 20.26 20.62
N LEU D 11 -2.22 21.49 21.01
CA LEU D 11 -3.11 22.36 21.78
C LEU D 11 -3.49 23.48 20.83
N VAL D 12 -4.77 23.60 20.55
CA VAL D 12 -5.24 24.61 19.64
C VAL D 12 -6.33 25.45 20.27
N ARG D 13 -6.20 26.77 20.10
CA ARG D 13 -7.19 27.71 20.62
C ARG D 13 -8.45 27.59 19.75
N PRO D 14 -9.63 27.48 20.39
CA PRO D 14 -10.92 27.34 19.70
C PRO D 14 -11.17 28.41 18.64
N GLY D 15 -11.70 27.96 17.50
CA GLY D 15 -11.99 28.88 16.41
C GLY D 15 -10.88 28.87 15.37
N ALA D 16 -9.68 28.50 15.81
CA ALA D 16 -8.54 28.45 14.92
C ALA D 16 -8.55 27.13 14.18
N SER D 17 -7.45 26.82 13.50
CA SER D 17 -7.33 25.57 12.75
C SER D 17 -5.98 24.90 12.99
N VAL D 18 -5.94 23.57 12.84
CA VAL D 18 -4.72 22.81 13.03
C VAL D 18 -4.45 22.01 11.77
N LYS D 19 -3.23 22.03 11.30
CA LYS D 19 -2.89 21.21 10.15
C LYS D 19 -2.05 20.07 10.73
N LEU D 20 -2.60 18.86 10.65
CA LEU D 20 -1.94 17.68 11.17
C LEU D 20 -1.09 17.09 10.08
N SER D 21 0.02 16.47 10.45
CA SER D 21 0.88 15.83 9.48
C SER D 21 0.90 14.32 9.78
N CYS D 22 1.35 13.53 8.80
CA CYS D 22 1.44 12.10 8.95
C CYS D 22 2.49 11.56 7.97
N LYS D 23 3.74 11.69 8.34
CA LYS D 23 4.87 11.27 7.54
C LYS D 23 4.91 9.78 7.32
N ALA D 24 4.58 9.34 6.12
CA ALA D 24 4.59 7.92 5.79
C ALA D 24 5.99 7.54 5.42
N SER D 25 6.40 6.34 5.81
CA SER D 25 7.73 5.84 5.50
C SER D 25 7.63 4.33 5.50
N GLY D 26 8.59 3.64 4.89
CA GLY D 26 8.56 2.19 4.84
C GLY D 26 7.95 1.63 3.58
N TYR D 27 7.15 2.45 2.92
CA TYR D 27 6.51 2.07 1.67
C TYR D 27 6.45 3.35 0.82
N THR D 28 5.87 3.28 -0.37
CA THR D 28 5.76 4.47 -1.21
C THR D 28 4.35 5.00 -1.09
N LEU D 29 4.23 6.15 -0.45
CA LEU D 29 2.96 6.84 -0.19
C LEU D 29 1.93 6.62 -1.30
N THR D 30 2.32 7.12 -2.46
CA THR D 30 1.61 7.10 -3.74
C THR D 30 0.96 5.77 -4.08
N THR D 31 1.65 4.68 -3.79
CA THR D 31 1.16 3.38 -4.15
C THR D 31 -0.16 2.96 -3.54
N TYR D 32 -0.55 3.59 -2.43
CA TYR D 32 -1.78 3.23 -1.72
C TYR D 32 -2.53 4.44 -1.17
N TRP D 33 -3.82 4.26 -0.88
CA TRP D 33 -4.67 5.32 -0.33
C TRP D 33 -4.41 5.57 1.14
N MET D 34 -5.01 6.63 1.64
CA MET D 34 -4.88 7.01 3.02
C MET D 34 -6.23 7.45 3.59
N ASN D 35 -6.49 7.04 4.82
CA ASN D 35 -7.72 7.35 5.53
C ASN D 35 -7.38 8.05 6.85
N TRP D 36 -8.13 9.09 7.19
CA TRP D 36 -7.93 9.79 8.44
C TRP D 36 -9.13 9.44 9.29
N PHE D 37 -8.92 9.19 10.58
CA PHE D 37 -10.00 8.84 11.51
C PHE D 37 -9.97 9.74 12.71
N LYS D 38 -11.06 9.70 13.44
CA LYS D 38 -11.21 10.51 14.63
C LYS D 38 -11.70 9.58 15.68
N GLN D 39 -11.05 9.57 16.83
CA GLN D 39 -11.51 8.72 17.92
C GLN D 39 -11.89 9.63 19.10
N ARG D 40 -13.16 9.65 19.47
CA ARG D 40 -13.54 10.48 20.60
C ARG D 40 -13.19 9.62 21.81
N PRO D 41 -12.92 10.25 22.95
CA PRO D 41 -12.57 9.54 24.17
C PRO D 41 -13.53 8.44 24.57
N ASP D 42 -14.80 8.64 24.27
CA ASP D 42 -15.80 7.65 24.58
C ASP D 42 -15.45 6.26 23.99
N GLN D 43 -14.73 6.27 22.87
CA GLN D 43 -14.27 5.08 22.11
C GLN D 43 -14.49 5.25 20.60
N GLY D 44 -15.66 5.79 20.25
CA GLY D 44 -16.04 6.01 18.87
C GLY D 44 -14.96 6.36 17.86
N LEU D 45 -14.90 5.54 16.80
CA LEU D 45 -13.94 5.68 15.72
C LEU D 45 -14.73 6.13 14.50
N GLU D 46 -14.51 7.39 14.09
CA GLU D 46 -15.18 8.00 12.93
C GLU D 46 -14.27 8.18 11.70
N TRP D 47 -14.79 7.89 10.51
CA TRP D 47 -14.01 8.07 9.28
C TRP D 47 -14.15 9.54 8.83
N ILE D 48 -13.04 10.27 8.80
CA ILE D 48 -13.05 11.68 8.38
C ILE D 48 -13.08 11.83 6.86
N GLY D 49 -12.30 11.00 6.18
CA GLY D 49 -12.22 11.04 4.73
C GLY D 49 -11.04 10.24 4.18
N ARG D 50 -10.86 10.29 2.87
CA ARG D 50 -9.78 9.56 2.22
C ARG D 50 -9.08 10.46 1.22
N ILE D 51 -7.88 10.04 0.83
CA ILE D 51 -7.10 10.77 -0.15
C ILE D 51 -6.27 9.75 -0.92
N ASP D 52 -6.12 9.99 -2.21
CA ASP D 52 -5.32 9.11 -3.06
C ASP D 52 -4.08 9.95 -3.29
N PRO D 53 -2.99 9.63 -2.60
CA PRO D 53 -1.75 10.37 -2.73
C PRO D 53 -1.24 10.53 -4.14
N TYR D 54 -1.61 9.61 -5.03
CA TYR D 54 -1.16 9.67 -6.42
C TYR D 54 -1.62 10.93 -7.13
N ASP D 55 -2.92 11.15 -7.14
CA ASP D 55 -3.54 12.27 -7.82
C ASP D 55 -4.03 13.37 -6.88
N SER D 56 -4.39 12.96 -5.67
CA SER D 56 -4.93 13.80 -4.58
C SER D 56 -6.45 13.76 -4.60
N GLU D 57 -6.98 12.71 -5.20
CA GLU D 57 -8.39 12.53 -5.31
C GLU D 57 -8.87 12.17 -3.92
N THR D 58 -9.49 13.14 -3.27
CA THR D 58 -10.00 12.99 -1.91
C THR D 58 -11.48 12.61 -1.90
N HIS D 59 -11.94 12.05 -0.79
CA HIS D 59 -13.34 11.66 -0.65
C HIS D 59 -13.70 11.75 0.82
N TYR D 60 -14.49 12.76 1.19
CA TYR D 60 -14.88 13.00 2.56
C TYR D 60 -16.19 12.45 3.00
N ASN D 61 -16.29 12.23 4.31
CA ASN D 61 -17.51 11.77 4.95
C ASN D 61 -18.29 13.09 4.89
N GLN D 62 -19.54 13.05 4.47
CA GLN D 62 -20.32 14.29 4.38
C GLN D 62 -20.24 15.14 5.64
N LYS D 63 -20.24 14.47 6.79
CA LYS D 63 -20.17 15.11 8.11
C LYS D 63 -18.96 16.01 8.35
N PHE D 64 -17.84 15.73 7.70
CA PHE D 64 -16.63 16.51 7.88
C PHE D 64 -16.29 17.36 6.68
N LYS D 65 -17.16 17.30 5.67
CA LYS D 65 -16.98 18.02 4.41
C LYS D 65 -16.51 19.47 4.54
N ASP D 66 -17.16 20.22 5.42
CA ASP D 66 -16.79 21.63 5.62
C ASP D 66 -15.85 21.86 6.81
N LYS D 67 -14.94 20.92 7.08
CA LYS D 67 -14.01 21.06 8.20
C LYS D 67 -12.63 20.50 7.91
N ALA D 68 -12.58 19.24 7.48
CA ALA D 68 -11.34 18.59 7.19
C ALA D 68 -10.88 18.86 5.76
N ILE D 69 -9.59 19.10 5.57
CA ILE D 69 -9.05 19.34 4.24
C ILE D 69 -7.86 18.43 4.05
N LEU D 70 -8.05 17.36 3.29
CA LEU D 70 -6.97 16.40 3.05
C LEU D 70 -6.06 16.82 1.90
N THR D 71 -4.76 16.78 2.14
CA THR D 71 -3.78 17.12 1.12
C THR D 71 -2.54 16.31 1.40
N VAL D 72 -1.70 16.12 0.38
CA VAL D 72 -0.48 15.36 0.56
C VAL D 72 0.61 16.10 -0.19
N ASP D 73 1.82 15.99 0.31
CA ASP D 73 3.00 16.57 -0.32
C ASP D 73 3.90 15.40 -0.71
N ARG D 74 3.70 14.89 -1.93
CA ARG D 74 4.47 13.74 -2.44
C ARG D 74 5.95 13.89 -2.29
N SER D 75 6.41 15.14 -2.32
CA SER D 75 7.83 15.46 -2.19
C SER D 75 8.42 14.82 -0.95
N SER D 76 7.73 14.97 0.18
CA SER D 76 8.24 14.42 1.41
C SER D 76 7.34 13.38 2.08
N SER D 77 6.62 12.60 1.29
CA SER D 77 5.76 11.56 1.85
C SER D 77 4.94 12.03 3.03
N THR D 78 4.53 13.28 3.05
CA THR D 78 3.77 13.76 4.19
C THR D 78 2.33 14.08 3.86
N ALA D 79 1.40 13.28 4.36
CA ALA D 79 -0.01 13.55 4.14
C ALA D 79 -0.36 14.62 5.18
N TYR D 80 -1.51 15.26 5.04
CA TYR D 80 -1.92 16.32 5.97
C TYR D 80 -3.42 16.33 6.09
N MET D 81 -3.93 17.04 7.09
CA MET D 81 -5.37 17.18 7.33
C MET D 81 -5.56 18.51 8.07
N GLN D 82 -6.35 19.38 7.48
CA GLN D 82 -6.62 20.68 8.08
C GLN D 82 -8.01 20.64 8.67
N LEU D 83 -8.13 21.15 9.89
CA LEU D 83 -9.41 21.23 10.60
C LEU D 83 -9.55 22.69 10.97
N SER D 84 -10.52 23.39 10.38
CA SER D 84 -10.71 24.80 10.67
C SER D 84 -11.85 25.04 11.65
N SER D 85 -11.76 26.16 12.37
CA SER D 85 -12.76 26.55 13.36
C SER D 85 -13.13 25.37 14.26
N LEU D 86 -12.13 24.94 15.01
CA LEU D 86 -12.26 23.83 15.94
C LEU D 86 -13.08 24.24 17.16
N THR D 87 -13.74 23.27 17.74
CA THR D 87 -14.53 23.51 18.93
C THR D 87 -14.32 22.33 19.86
N SER D 88 -14.82 22.45 21.08
CA SER D 88 -14.68 21.42 22.09
C SER D 88 -14.79 20.03 21.52
N GLU D 89 -15.87 19.79 20.79
CA GLU D 89 -16.13 18.50 20.16
C GLU D 89 -15.00 17.96 19.30
N ASP D 90 -14.18 18.85 18.75
CA ASP D 90 -13.05 18.44 17.90
C ASP D 90 -11.82 17.93 18.64
N SER D 91 -11.87 17.92 19.96
CA SER D 91 -10.77 17.41 20.76
C SER D 91 -10.90 15.91 20.76
N ALA D 92 -9.93 15.26 20.11
CA ALA D 92 -9.93 13.83 19.97
C ALA D 92 -8.54 13.41 19.52
N VAL D 93 -8.37 12.10 19.31
CA VAL D 93 -7.10 11.57 18.82
C VAL D 93 -7.41 11.35 17.35
N TYR D 94 -6.53 11.89 16.49
CA TYR D 94 -6.69 11.76 15.05
C TYR D 94 -5.66 10.78 14.49
N TYR D 95 -6.14 9.80 13.72
CA TYR D 95 -5.30 8.78 13.11
C TYR D 95 -5.28 8.84 11.59
N CYS D 96 -4.14 8.54 10.99
CA CYS D 96 -4.07 8.48 9.56
C CYS D 96 -3.71 7.01 9.34
N THR D 97 -4.12 6.46 8.19
CA THR D 97 -3.87 5.05 7.92
C THR D 97 -3.59 4.74 6.47
N ARG D 98 -2.93 3.61 6.25
CA ARG D 98 -2.65 3.15 4.92
C ARG D 98 -3.88 2.33 4.52
N PHE D 99 -4.71 2.90 3.66
CA PHE D 99 -5.93 2.22 3.19
C PHE D 99 -5.53 1.45 1.96
N LEU D 100 -5.37 0.14 2.07
CA LEU D 100 -4.99 -0.66 0.92
C LEU D 100 -6.24 -0.85 0.04
N GLN D 101 -6.24 -0.22 -1.13
CA GLN D 101 -7.35 -0.28 -2.09
C GLN D 101 -7.85 -1.66 -2.44
N ILE D 102 -9.04 -1.70 -3.02
CA ILE D 102 -9.74 -2.94 -3.41
C ILE D 102 -8.96 -3.91 -4.29
N THR D 103 -7.86 -3.43 -4.87
CA THR D 103 -7.03 -4.24 -5.75
C THR D 103 -5.98 -5.08 -4.99
N THR D 104 -5.96 -4.91 -3.67
CA THR D 104 -5.04 -5.66 -2.83
C THR D 104 -5.83 -6.85 -2.25
N ILE D 105 -5.12 -7.82 -1.68
CA ILE D 105 -5.78 -8.99 -1.09
C ILE D 105 -6.48 -8.64 0.22
N ILE D 106 -6.07 -7.53 0.84
CA ILE D 106 -6.63 -7.09 2.10
C ILE D 106 -7.77 -6.09 2.00
N TYR D 107 -7.53 -4.95 1.37
CA TYR D 107 -8.55 -3.92 1.22
C TYR D 107 -9.09 -3.51 2.57
N GLY D 108 -8.31 -2.69 3.26
CA GLY D 108 -8.66 -2.20 4.57
C GLY D 108 -7.41 -1.50 5.02
N MET D 109 -7.41 -0.89 6.21
CA MET D 109 -6.17 -0.25 6.61
C MET D 109 -5.40 -1.17 7.50
N ASP D 110 -4.14 -1.37 7.15
CA ASP D 110 -3.30 -2.27 7.91
C ASP D 110 -2.35 -1.61 8.92
N TYR D 111 -1.73 -0.49 8.55
CA TYR D 111 -0.85 0.19 9.48
C TYR D 111 -1.49 1.52 9.89
N TRP D 112 -1.52 1.77 11.21
CA TRP D 112 -2.08 3.02 11.75
C TRP D 112 -0.98 3.87 12.31
N GLY D 113 -1.20 5.18 12.29
CA GLY D 113 -0.23 6.09 12.84
C GLY D 113 -0.38 6.07 14.34
N GLN D 114 0.55 6.68 15.06
CA GLN D 114 0.45 6.66 16.50
C GLN D 114 -0.69 7.49 17.04
N GLY D 115 -1.30 8.32 16.19
CA GLY D 115 -2.38 9.16 16.65
C GLY D 115 -1.84 10.48 17.14
N THR D 116 -2.68 11.50 17.17
CA THR D 116 -2.26 12.82 17.66
C THR D 116 -3.46 13.28 18.49
N SER D 117 -3.22 13.93 19.63
CA SER D 117 -4.31 14.40 20.47
C SER D 117 -4.48 15.89 20.34
N VAL D 118 -5.63 16.30 19.81
CA VAL D 118 -5.94 17.72 19.60
C VAL D 118 -6.80 18.30 20.71
N THR D 119 -6.17 19.04 21.60
CA THR D 119 -6.82 19.66 22.73
C THR D 119 -7.26 21.05 22.34
N VAL D 120 -8.56 21.25 22.21
CA VAL D 120 -9.11 22.56 21.86
C VAL D 120 -9.42 23.32 23.14
N SER D 121 -8.58 24.27 23.51
CA SER D 121 -8.82 25.01 24.72
C SER D 121 -8.12 26.34 24.71
N SER D 122 -8.70 27.28 25.43
CA SER D 122 -8.14 28.61 25.53
C SER D 122 -7.29 28.75 26.81
N ALA D 123 -7.21 27.66 27.58
CA ALA D 123 -6.46 27.61 28.83
C ALA D 123 -4.95 27.76 28.62
N LYS D 124 -4.30 28.48 29.51
CA LYS D 124 -2.86 28.72 29.39
C LYS D 124 -2.00 27.49 29.67
N THR D 125 -0.79 27.50 29.14
CA THR D 125 0.16 26.43 29.35
C THR D 125 0.86 26.68 30.68
N THR D 126 0.61 25.81 31.66
CA THR D 126 1.19 25.92 33.00
C THR D 126 2.11 24.76 33.28
N PRO D 127 3.29 25.03 33.84
CA PRO D 127 4.29 24.01 34.17
C PRO D 127 3.81 23.17 35.36
N PRO D 128 4.24 21.91 35.43
CA PRO D 128 3.76 21.13 36.57
C PRO D 128 4.51 21.48 37.84
N SER D 129 3.89 21.15 38.97
CA SER D 129 4.45 21.33 40.29
C SER D 129 4.68 19.88 40.71
N VAL D 130 5.94 19.49 40.88
CA VAL D 130 6.29 18.09 41.20
C VAL D 130 6.65 17.83 42.66
N TYR D 131 5.68 17.32 43.41
CA TYR D 131 5.81 17.03 44.84
C TYR D 131 6.13 15.59 45.16
N PRO D 132 7.28 15.35 45.81
CA PRO D 132 7.71 13.99 46.18
C PRO D 132 6.78 13.41 47.25
N LEU D 133 6.63 12.10 47.23
CA LEU D 133 5.76 11.38 48.18
C LEU D 133 6.52 10.21 48.81
N ALA D 134 6.76 10.30 50.11
CA ALA D 134 7.48 9.27 50.88
C ALA D 134 6.76 8.99 52.19
N PRO D 135 6.95 7.79 52.76
CA PRO D 135 6.31 7.43 54.03
C PRO D 135 6.94 8.20 55.19
N GLY D 136 6.17 8.38 56.25
CA GLY D 136 6.65 9.10 57.42
C GLY D 136 6.14 8.39 58.65
N SER D 137 5.23 9.03 59.38
CA SER D 137 4.63 8.46 60.59
C SER D 137 4.46 6.94 60.46
N ALA D 138 5.24 6.20 61.25
CA ALA D 138 5.20 4.73 61.24
C ALA D 138 5.77 4.16 59.93
N ALA D 139 7.09 4.25 59.78
CA ALA D 139 7.81 3.77 58.61
C ALA D 139 7.20 2.50 58.00
N GLN D 140 6.57 2.67 56.83
CA GLN D 140 5.93 1.56 56.13
C GLN D 140 6.92 0.81 55.24
N THR D 141 8.18 0.79 55.66
CA THR D 141 9.26 0.11 54.95
C THR D 141 9.36 -1.31 55.52
N ASN D 142 8.30 -2.10 55.33
CA ASN D 142 8.28 -3.48 55.85
C ASN D 142 8.54 -4.56 54.79
N SER D 143 7.49 -5.22 54.29
CA SER D 143 7.70 -6.24 53.28
C SER D 143 8.04 -5.62 51.91
N MET D 144 7.77 -4.31 51.75
CA MET D 144 8.05 -3.59 50.50
C MET D 144 7.75 -2.10 50.71
N VAL D 145 8.22 -1.24 49.80
CA VAL D 145 7.96 0.20 49.92
C VAL D 145 7.38 0.85 48.67
N THR D 146 6.30 1.60 48.87
CA THR D 146 5.62 2.34 47.83
C THR D 146 6.02 3.83 47.95
N LEU D 147 6.73 4.31 46.95
CA LEU D 147 7.16 5.69 46.90
C LEU D 147 6.24 6.38 45.90
N GLY D 148 5.85 7.61 46.21
CA GLY D 148 4.95 8.31 45.32
C GLY D 148 5.60 9.49 44.64
N CYS D 149 4.76 10.24 43.93
CA CYS D 149 5.17 11.44 43.21
C CYS D 149 3.90 12.09 42.68
N LEU D 150 3.65 13.31 43.10
CA LEU D 150 2.45 14.03 42.71
C LEU D 150 2.84 15.13 41.74
N VAL D 151 2.39 14.99 40.50
CA VAL D 151 2.62 15.93 39.42
C VAL D 151 1.33 16.72 39.46
N LYS D 152 1.40 17.94 39.96
CA LYS D 152 0.23 18.77 40.14
C LYS D 152 0.17 20.13 39.44
N GLY D 153 -1.03 20.45 38.97
CA GLY D 153 -1.33 21.71 38.33
C GLY D 153 -0.53 22.11 37.11
N TYR D 154 -0.69 21.37 36.02
CA TYR D 154 0.01 21.68 34.77
C TYR D 154 -1.03 21.65 33.68
N PHE D 155 -0.68 22.19 32.52
CA PHE D 155 -1.56 22.19 31.37
C PHE D 155 -0.74 22.54 30.12
N PRO D 156 -1.00 21.85 29.01
CA PRO D 156 -2.01 20.79 28.84
C PRO D 156 -1.32 19.44 28.97
N GLU D 157 -2.07 18.35 28.85
CA GLU D 157 -1.44 17.03 28.89
C GLU D 157 -0.54 17.08 27.68
N PRO D 158 0.50 16.26 27.62
CA PRO D 158 0.95 15.28 28.58
C PRO D 158 2.28 15.60 29.27
N VAL D 159 2.57 14.81 30.30
CA VAL D 159 3.83 14.88 31.03
C VAL D 159 4.31 13.44 30.95
N THR D 160 5.57 13.24 31.27
CA THR D 160 6.12 11.90 31.23
C THR D 160 6.84 11.64 32.53
N VAL D 161 6.20 10.89 33.42
CA VAL D 161 6.80 10.55 34.69
C VAL D 161 7.63 9.32 34.43
N THR D 162 8.88 9.35 34.90
CA THR D 162 9.80 8.25 34.70
C THR D 162 10.68 8.19 35.93
N TRP D 163 10.93 7.00 36.47
CA TRP D 163 11.77 6.85 37.66
C TRP D 163 13.21 6.51 37.35
N ASN D 164 14.12 7.14 38.08
CA ASN D 164 15.55 6.93 37.91
C ASN D 164 15.98 6.87 36.45
N SER D 165 15.50 7.83 35.66
CA SER D 165 15.83 7.91 34.25
C SER D 165 15.48 6.64 33.50
N GLY D 166 14.42 5.96 33.95
CA GLY D 166 13.96 4.75 33.30
C GLY D 166 14.50 3.45 33.85
N SER D 167 15.66 3.49 34.47
CA SER D 167 16.27 2.30 35.03
C SER D 167 15.32 1.60 36.00
N LEU D 168 14.75 2.37 36.93
CA LEU D 168 13.82 1.81 37.91
C LEU D 168 12.47 1.64 37.20
N SER D 169 12.45 0.75 36.22
CA SER D 169 11.26 0.47 35.41
C SER D 169 10.26 -0.54 35.94
N SER D 170 10.76 -1.60 36.55
CA SER D 170 9.91 -2.69 36.98
C SER D 170 8.97 -2.63 38.19
N GLY D 171 8.19 -1.58 38.36
CA GLY D 171 7.27 -1.55 39.50
C GLY D 171 6.52 -0.26 39.71
N VAL D 172 6.36 0.50 38.64
CA VAL D 172 5.68 1.78 38.70
C VAL D 172 4.27 1.75 38.14
N HIS D 173 3.44 2.66 38.61
CA HIS D 173 2.07 2.78 38.17
C HIS D 173 1.83 4.28 38.09
N THR D 174 1.87 4.83 36.89
CA THR D 174 1.61 6.25 36.71
C THR D 174 0.13 6.21 36.44
N PHE D 175 -0.62 7.00 37.18
CA PHE D 175 -2.06 7.00 37.03
C PHE D 175 -2.51 8.07 36.05
N PRO D 176 -3.64 7.84 35.39
CA PRO D 176 -4.15 8.81 34.43
C PRO D 176 -4.34 10.14 35.14
N ALA D 177 -4.06 11.23 34.44
CA ALA D 177 -4.20 12.58 34.96
C ALA D 177 -5.67 12.88 34.99
N VAL D 178 -6.06 13.85 35.79
CA VAL D 178 -7.46 14.23 35.84
C VAL D 178 -7.57 15.74 35.87
N LEU D 179 -8.40 16.24 34.98
CA LEU D 179 -8.59 17.66 34.86
C LEU D 179 -9.42 18.12 36.03
N GLN D 180 -9.11 19.29 36.53
CA GLN D 180 -9.81 19.87 37.66
C GLN D 180 -9.41 21.34 37.62
N SER D 181 -10.33 22.18 37.17
CA SER D 181 -10.15 23.65 37.07
C SER D 181 -9.15 24.06 35.99
N ASP D 182 -9.18 23.34 34.87
CA ASP D 182 -8.29 23.61 33.74
C ASP D 182 -6.82 23.42 34.13
N LEU D 183 -6.63 22.48 35.04
CA LEU D 183 -5.33 22.08 35.53
C LEU D 183 -5.40 20.57 35.62
N TYR D 184 -4.27 19.90 35.39
CA TYR D 184 -4.18 18.45 35.42
C TYR D 184 -3.34 17.98 36.61
N THR D 185 -3.79 16.91 37.24
CA THR D 185 -3.04 16.34 38.35
C THR D 185 -2.86 14.86 38.04
N LEU D 186 -1.65 14.35 38.27
CA LEU D 186 -1.36 12.94 38.06
C LEU D 186 -0.26 12.50 39.01
N SER D 187 -0.27 11.22 39.35
CA SER D 187 0.69 10.67 40.28
C SER D 187 1.20 9.35 39.74
N SER D 188 2.40 8.97 40.17
CA SER D 188 3.03 7.73 39.76
C SER D 188 3.54 7.11 41.05
N SER D 189 3.57 5.78 41.13
CA SER D 189 4.04 5.08 42.34
C SER D 189 4.84 3.82 42.11
N VAL D 190 6.15 3.94 42.23
CA VAL D 190 7.02 2.79 42.07
C VAL D 190 7.05 2.08 43.43
N THR D 191 7.43 0.80 43.47
CA THR D 191 7.53 0.06 44.74
C THR D 191 8.86 -0.67 44.88
N VAL D 192 9.73 -0.11 45.71
CA VAL D 192 11.04 -0.68 45.92
C VAL D 192 11.11 -1.62 47.12
N PRO D 193 11.92 -2.69 47.01
CA PRO D 193 12.06 -3.65 48.09
C PRO D 193 12.93 -3.12 49.23
N SER D 194 12.29 -2.81 50.36
CA SER D 194 12.94 -2.31 51.58
C SER D 194 14.45 -1.98 51.56
N SER D 195 15.29 -2.96 51.27
CA SER D 195 16.74 -2.75 51.23
C SER D 195 17.18 -1.96 50.00
N THR D 196 16.24 -1.38 49.28
CA THR D 196 16.55 -0.60 48.09
C THR D 196 16.14 0.88 48.13
N TRP D 197 15.47 1.30 49.21
CA TRP D 197 15.08 2.69 49.28
C TRP D 197 16.11 3.65 49.87
N PRO D 198 16.08 3.92 51.19
CA PRO D 198 17.07 4.88 51.71
C PRO D 198 18.51 4.70 51.28
N SER D 199 18.91 3.47 50.99
CA SER D 199 20.28 3.19 50.57
C SER D 199 20.70 4.07 49.39
N GLU D 200 19.96 3.97 48.30
CA GLU D 200 20.25 4.76 47.11
C GLU D 200 19.14 5.79 46.91
N THR D 201 19.16 6.47 45.78
CA THR D 201 18.16 7.49 45.51
C THR D 201 17.08 7.13 44.49
N VAL D 202 15.83 7.26 44.90
CA VAL D 202 14.69 7.02 44.03
C VAL D 202 14.28 8.44 43.62
N THR D 203 14.31 8.69 42.31
CA THR D 203 13.98 10.00 41.75
C THR D 203 12.94 9.88 40.66
N CYS D 204 11.94 10.76 40.67
CA CYS D 204 10.95 10.71 39.62
C CYS D 204 11.21 11.93 38.76
N ASN D 205 11.46 11.63 37.49
CA ASN D 205 11.73 12.62 36.48
C ASN D 205 10.48 12.89 35.67
N VAL D 206 9.86 14.07 35.83
CA VAL D 206 8.68 14.40 35.02
C VAL D 206 9.03 15.42 33.92
N ALA D 207 8.34 15.32 32.80
CA ALA D 207 8.60 16.25 31.71
C ALA D 207 7.34 16.80 31.08
N HIS D 208 7.26 18.12 31.04
CA HIS D 208 6.15 18.82 30.43
C HIS D 208 6.82 19.58 29.28
N PRO D 209 6.84 18.96 28.08
CA PRO D 209 7.45 19.53 26.88
C PRO D 209 6.65 20.75 26.43
N ALA D 210 5.34 20.69 26.66
CA ALA D 210 4.44 21.78 26.30
C ALA D 210 4.90 23.08 26.92
N SER D 211 5.84 23.00 27.88
CA SER D 211 6.36 24.19 28.55
C SER D 211 7.86 24.11 28.75
N SER D 212 8.48 23.12 28.13
CA SER D 212 9.92 22.96 28.24
C SER D 212 10.34 22.94 29.69
N THR D 213 9.80 21.95 30.40
CA THR D 213 10.06 21.75 31.82
C THR D 213 10.49 20.31 31.95
N LYS D 214 11.58 20.09 32.66
CA LYS D 214 12.11 18.76 32.88
C LYS D 214 12.52 18.76 34.35
N VAL D 215 11.74 18.10 35.20
CA VAL D 215 12.00 18.04 36.65
C VAL D 215 12.55 16.71 37.21
N ASP D 216 13.51 16.81 38.12
CA ASP D 216 14.11 15.65 38.76
C ASP D 216 13.93 15.77 40.26
N LYS D 217 12.92 15.08 40.80
CA LYS D 217 12.63 15.11 42.22
C LYS D 217 13.13 13.84 42.92
N LYS D 218 14.12 13.97 43.79
CA LYS D 218 14.62 12.80 44.49
C LYS D 218 13.79 12.60 45.74
N ILE D 219 13.17 11.44 45.84
CA ILE D 219 12.36 11.10 46.99
C ILE D 219 13.30 10.87 48.16
N VAL D 220 13.27 11.80 49.11
CA VAL D 220 14.11 11.71 50.27
C VAL D 220 13.35 11.05 51.39
N PRO D 221 14.05 10.25 52.22
CA PRO D 221 13.39 9.57 53.33
C PRO D 221 12.90 10.59 54.35
N ARG D 222 11.58 10.71 54.42
CA ARG D 222 10.98 11.58 55.39
C ARG D 222 10.99 10.65 56.58
N ASP D 223 10.66 9.37 56.31
CA ASP D 223 10.62 8.26 57.25
C ASP D 223 10.08 8.49 58.67
C1 NAG E . -2.40 -24.27 0.58
C2 NAG E . -3.21 -24.29 1.86
C3 NAG E . -3.21 -25.69 2.34
C4 NAG E . -3.94 -26.57 1.31
C5 NAG E . -3.26 -26.49 -0.07
C6 NAG E . -3.96 -27.04 -1.39
C7 NAG E . -3.26 -22.21 3.13
C8 NAG E . -2.59 -21.35 4.17
N2 NAG E . -2.66 -23.36 2.84
O3 NAG E . -3.82 -25.74 3.63
O4 NAG E . -3.79 -27.87 1.82
O5 NAG E . -2.96 -25.13 -0.36
O6 NAG E . -5.39 -27.17 -1.40
O7 NAG E . -4.29 -21.83 2.57
C1 NDG E . -4.88 -28.86 1.92
C2 NDG E . -3.85 -29.99 2.48
C3 NDG E . -3.12 -30.63 1.36
C4 NDG E . -4.15 -31.19 0.35
C5 NDG E . -4.95 -30.04 -0.40
C6 NDG E . -6.45 -30.14 -0.87
C7 NDG E . -3.05 -29.26 4.69
C8 NDG E . -1.90 -28.79 5.59
O5 NDG E . -4.85 -28.86 0.42
O3 NDG E . -2.25 -31.63 1.87
O4 NDG E . -3.41 -31.92 -0.61
O6 NDG E . -7.22 -28.93 -0.77
O7 NDG E . -4.17 -29.41 5.20
N2 NDG E . -2.80 -29.55 3.41
C1 NAG F . 19.12 -43.31 3.65
C2 NAG F . 19.68 -44.74 3.82
C3 NAG F . 19.50 -45.51 2.49
C4 NAG F . 18.07 -45.47 2.04
C5 NAG F . 17.56 -44.03 1.98
C6 NAG F . 16.09 -43.71 1.61
C7 NAG F . 21.53 -44.78 5.47
C8 NAG F . 23.05 -44.88 5.64
N2 NAG F . 21.09 -44.82 4.21
O3 NAG F . 19.88 -46.86 2.58
O4 NAG F . 18.09 -46.03 0.74
O5 NAG F . 17.75 -43.45 3.25
O6 NAG F . 15.11 -44.58 2.17
O7 NAG F . 20.78 -44.69 6.45
C1 NAG F . 17.44 -47.29 0.57
C2 NAG F . 16.88 -47.32 -0.86
C3 NAG F . 16.34 -48.71 -1.12
C4 NAG F . 17.38 -49.76 -0.80
C5 NAG F . 17.85 -49.66 0.60
C6 NAG F . 18.90 -50.70 0.96
C7 NAG F . 15.82 -45.31 -1.88
C8 NAG F . 14.61 -44.41 -1.88
N2 NAG F . 15.82 -46.32 -1.02
O3 NAG F . 15.98 -48.82 -2.48
O4 NAG F . 16.84 -51.04 -0.92
O5 NAG F . 18.38 -48.34 0.78
O6 NAG F . 18.89 -50.79 2.38
O7 NAG F . 16.75 -45.09 -2.66
C1 BMA F . 16.80 -51.69 -2.21
C2 BMA F . 16.90 -53.18 -1.86
C3 BMA F . 16.80 -54.05 -3.12
C4 BMA F . 15.71 -53.54 -4.13
C5 BMA F . 15.63 -51.98 -4.30
C6 BMA F . 14.43 -51.36 -5.13
O2 BMA F . 15.86 -53.52 -0.95
O3 BMA F . 16.49 -55.38 -2.76
O4 BMA F . 16.12 -54.09 -5.38
O5 BMA F . 15.59 -51.41 -2.98
O6 BMA F . 13.17 -51.89 -4.81
C1 NAG G . -7.14 11.29 -40.39
C2 NAG G . -8.59 11.58 -40.38
C3 NAG G . -9.30 10.80 -39.31
C4 NAG G . -8.72 9.33 -39.17
C5 NAG G . -7.24 9.14 -39.54
C6 NAG G . -6.87 7.71 -39.94
C7 NAG G . -9.69 13.69 -40.71
C8 NAG G . -9.77 15.19 -40.39
N2 NAG G . -8.71 13.00 -40.13
O3 NAG G . -10.70 10.74 -39.66
O4 NAG G . -8.78 8.93 -37.82
O5 NAG G . -6.93 9.95 -40.62
O6 NAG G . -7.61 7.29 -41.10
O7 NAG G . -10.51 13.17 -41.48
C1 NAG H . 8.56 5.25 -17.77
C2 NAG H . 8.80 6.69 -18.33
C3 NAG H . 10.30 6.86 -18.69
C4 NAG H . 11.15 6.59 -17.37
C5 NAG H . 10.81 5.14 -16.86
C6 NAG H . 11.18 4.88 -15.42
C7 NAG H . 6.83 7.64 -19.36
C8 NAG H . 5.92 7.92 -20.53
N2 NAG H . 7.96 6.95 -19.51
O3 NAG H . 10.58 8.17 -19.22
O4 NAG H . 12.55 6.78 -17.61
O5 NAG H . 9.44 4.86 -16.78
O6 NAG H . 10.33 3.82 -14.89
O7 NAG H . 6.49 8.09 -18.27
C1 NAG I . -25.37 11.41 -66.50
C2 NAG I . -26.43 10.50 -65.79
C3 NAG I . -27.56 10.39 -66.81
C4 NAG I . -28.24 11.78 -66.91
C5 NAG I . -27.19 12.81 -67.52
C6 NAG I . -27.58 14.33 -67.37
C7 NAG I . -25.72 8.85 -64.08
C8 NAG I . -25.20 7.44 -63.84
N2 NAG I . -25.95 9.18 -65.36
O3 NAG I . -28.50 9.40 -66.44
O4 NAG I . -29.41 11.63 -67.70
O5 NAG I . -25.89 12.70 -66.88
O6 NAG I . -27.94 14.80 -66.06
O7 NAG I . -25.90 9.62 -63.14
#